data_5YD2
#
_entry.id   5YD2
#
_cell.length_a   132.238
_cell.length_b   67.904
_cell.length_c   95.030
_cell.angle_alpha   90.00
_cell.angle_beta   110.93
_cell.angle_gamma   90.00
#
_symmetry.space_group_name_H-M   'C 1 2 1'
#
loop_
_entity.id
_entity.type
_entity.pdbx_description
1 polymer 'Phosphoserine aminotransferase'
2 non-polymer 'CHLORIDE ION'
3 non-polymer "PYRIDOXAL-5'-PHOSPHATE"
4 water water
#
_entity_poly.entity_id   1
_entity_poly.type   'polypeptide(L)'
_entity_poly.pdbx_seq_one_letter_code
;MERQNIHNFGAMAKEVIEATAKAVNNFWEGLSILEISHRSKEWINVMNETKALMKEVMDIPEGYEILFFGGGASLQFLMV
AMNLLNKKACYLDTGVWASKAIKEAENIGEVKIIGTSKDKNYTYIPEYQIPSDYDYFHITTNNTIYGTEIRKDIESPIPL
VADMSSDILSKPIDISKYSLIYAGAQKNCGAAGVTIVIIKKEILGKVQRKIPIILDYQVHILNNSMYNTPPVISIFTVNQ
TLKYIKKIGGLKKIQELNEEKARLLYAEIDRNKIFRGTVRKKDRSIMNVCFVMEEQYKQLENEFSEYALQKGIIGIKGHR
SVGGFRASIYNAVTIESVQALIKCMHDFEQLHTH
;
_entity_poly.pdbx_strand_id   A,B
#
loop_
_chem_comp.id
_chem_comp.type
_chem_comp.name
_chem_comp.formula
CL non-polymer 'CHLORIDE ION' 'Cl -1'
PLP non-polymer PYRIDOXAL-5'-PHOSPHATE 'C8 H10 N O6 P'
#
# COMPACT_ATOMS: atom_id res chain seq x y z
N ILE A 6 -24.43 17.70 -8.93
CA ILE A 6 -23.06 17.72 -9.53
C ILE A 6 -22.74 16.36 -10.19
N HIS A 7 -21.87 16.42 -11.21
CA HIS A 7 -21.54 15.30 -12.07
C HIS A 7 -20.05 14.99 -11.98
N ASN A 8 -19.79 13.71 -11.79
CA ASN A 8 -18.57 13.26 -11.13
C ASN A 8 -17.80 12.24 -11.97
N PHE A 9 -16.66 12.67 -12.52
CA PHE A 9 -15.72 11.80 -13.26
C PHE A 9 -14.55 11.37 -12.36
N GLY A 10 -14.77 10.26 -11.64
CA GLY A 10 -14.06 9.95 -10.41
C GLY A 10 -14.90 9.09 -9.45
N ALA A 11 -16.22 9.17 -9.58
CA ALA A 11 -17.16 8.63 -8.59
C ALA A 11 -16.87 7.17 -8.24
N MET A 12 -17.04 6.83 -6.97
CA MET A 12 -17.12 5.42 -6.56
C MET A 12 -18.59 5.17 -6.31
N ALA A 13 -19.03 3.93 -6.52
CA ALA A 13 -20.39 3.54 -6.20
C ALA A 13 -20.68 3.94 -4.76
N LYS A 14 -21.93 4.30 -4.45
CA LYS A 14 -22.28 4.79 -3.12
C LYS A 14 -22.41 3.66 -2.08
N GLU A 15 -22.85 2.48 -2.52
CA GLU A 15 -22.96 1.32 -1.64
C GLU A 15 -21.60 0.96 -1.03
N VAL A 16 -20.57 1.06 -1.86
CA VAL A 16 -19.20 0.80 -1.46
C VAL A 16 -18.65 1.83 -0.51
N ILE A 17 -18.97 3.11 -0.74
CA ILE A 17 -18.52 4.13 0.19
C ILE A 17 -19.19 3.89 1.55
N GLU A 18 -20.52 3.73 1.55
CA GLU A 18 -21.25 3.55 2.81
C GLU A 18 -20.77 2.35 3.59
N ALA A 19 -20.56 1.23 2.90
CA ALA A 19 -20.08 -0.01 3.56
C ALA A 19 -18.72 0.14 4.19
N THR A 20 -17.82 0.81 3.48
CA THR A 20 -16.50 1.11 4.01
C THR A 20 -16.59 1.99 5.25
N ALA A 21 -17.37 3.06 5.19
CA ALA A 21 -17.55 3.95 6.36
C ALA A 21 -18.13 3.15 7.54
N LYS A 22 -19.13 2.35 7.27
CA LYS A 22 -19.75 1.54 8.30
C LYS A 22 -18.66 0.69 8.96
N ALA A 23 -17.83 0.07 8.12
CA ALA A 23 -16.78 -0.82 8.61
C ALA A 23 -15.68 -0.09 9.43
N VAL A 24 -15.49 1.20 9.18
CA VAL A 24 -14.58 2.02 9.98
C VAL A 24 -15.12 2.35 11.36
N ASN A 25 -16.42 2.57 11.45
CA ASN A 25 -17.08 2.76 12.74
C ASN A 25 -17.10 1.49 13.55
N ASN A 26 -17.60 0.41 12.93
CA ASN A 26 -17.76 -0.89 13.61
C ASN A 26 -17.75 -2.04 12.65
N PHE A 27 -16.59 -2.68 12.53
CA PHE A 27 -16.46 -3.82 11.66
C PHE A 27 -16.95 -5.10 12.33
N TRP A 28 -16.54 -5.31 13.59
CA TRP A 28 -16.80 -6.55 14.33
C TRP A 28 -16.72 -6.31 15.85
N GLU A 29 -17.86 -6.50 16.52
CA GLU A 29 -17.94 -6.43 17.98
C GLU A 29 -17.36 -5.15 18.56
N GLY A 30 -17.73 -4.03 17.94
CA GLY A 30 -17.32 -2.73 18.43
C GLY A 30 -15.97 -2.25 17.90
N LEU A 31 -15.17 -3.16 17.35
CA LEU A 31 -13.84 -2.84 16.82
C LEU A 31 -13.87 -2.33 15.37
N SER A 32 -13.19 -1.21 15.15
CA SER A 32 -13.09 -0.61 13.83
C SER A 32 -12.28 -1.52 12.93
N ILE A 33 -12.59 -1.53 11.65
CA ILE A 33 -11.71 -2.22 10.75
C ILE A 33 -10.26 -1.69 10.80
N LEU A 34 -10.06 -0.45 11.24
CA LEU A 34 -8.71 0.10 11.33
C LEU A 34 -7.95 -0.46 12.50
N GLU A 35 -8.61 -1.19 13.41
CA GLU A 35 -7.92 -1.62 14.64
C GLU A 35 -7.86 -3.11 14.87
N ILE A 36 -8.58 -3.88 14.07
CA ILE A 36 -8.48 -5.36 14.16
C ILE A 36 -7.11 -5.87 13.68
N SER A 37 -6.75 -7.06 14.10
CA SER A 37 -5.50 -7.66 13.73
C SER A 37 -5.67 -8.33 12.40
N HIS A 38 -4.68 -8.20 11.54
CA HIS A 38 -4.76 -8.85 10.25
C HIS A 38 -4.45 -10.33 10.43
N ARG A 39 -3.84 -10.70 11.56
CA ARG A 39 -3.65 -12.09 11.96
C ARG A 39 -4.95 -12.74 12.53
N SER A 40 -6.02 -11.96 12.79
CA SER A 40 -7.27 -12.53 13.31
C SER A 40 -8.08 -13.28 12.24
N LYS A 41 -8.93 -14.17 12.71
CA LYS A 41 -9.79 -14.97 11.86
C LYS A 41 -10.86 -14.16 11.11
N GLU A 42 -11.31 -13.07 11.72
CA GLU A 42 -12.28 -12.15 11.11
C GLU A 42 -11.73 -11.61 9.79
N TRP A 43 -10.48 -11.17 9.84
CA TRP A 43 -9.82 -10.64 8.69
C TRP A 43 -9.47 -11.68 7.65
N ILE A 44 -8.97 -12.82 8.08
CA ILE A 44 -8.60 -13.92 7.18
C ILE A 44 -9.79 -14.29 6.34
N ASN A 45 -10.96 -14.32 6.97
CA ASN A 45 -12.23 -14.62 6.33
C ASN A 45 -12.56 -13.60 5.26
N VAL A 46 -12.25 -12.35 5.52
CA VAL A 46 -12.45 -11.32 4.49
C VAL A 46 -11.47 -11.58 3.34
N MET A 47 -10.20 -11.81 3.67
CA MET A 47 -9.23 -12.09 2.64
C MET A 47 -9.83 -13.17 1.76
N ASN A 48 -10.25 -14.28 2.36
CA ASN A 48 -10.67 -15.42 1.56
C ASN A 48 -11.95 -15.18 0.79
N GLU A 49 -12.90 -14.50 1.39
CA GLU A 49 -14.14 -14.19 0.71
C GLU A 49 -13.88 -13.22 -0.49
N THR A 50 -13.00 -12.24 -0.31
CA THR A 50 -12.59 -11.40 -1.42
C THR A 50 -12.00 -12.24 -2.52
N LYS A 51 -11.08 -13.13 -2.17
CA LYS A 51 -10.54 -14.04 -3.15
C LYS A 51 -11.62 -14.88 -3.86
N ALA A 52 -12.54 -15.49 -3.09
CA ALA A 52 -13.60 -16.31 -3.68
C ALA A 52 -14.54 -15.47 -4.54
N LEU A 53 -14.82 -14.24 -4.12
CA LEU A 53 -15.61 -13.29 -4.92
C LEU A 53 -15.00 -12.93 -6.27
N MET A 54 -13.70 -12.66 -6.26
CA MET A 54 -13.00 -12.32 -7.47
C MET A 54 -12.97 -13.50 -8.40
N LYS A 55 -12.86 -14.69 -7.83
CA LYS A 55 -12.87 -15.92 -8.59
C LYS A 55 -14.21 -16.07 -9.30
N GLU A 56 -15.27 -15.93 -8.52
CA GLU A 56 -16.64 -16.02 -9.01
C GLU A 56 -16.93 -14.94 -10.09
N VAL A 57 -16.81 -13.68 -9.70
CA VAL A 57 -17.20 -12.56 -10.55
C VAL A 57 -16.36 -12.49 -11.83
N MET A 58 -15.09 -12.90 -11.76
CA MET A 58 -14.23 -12.84 -12.94
C MET A 58 -14.04 -14.18 -13.64
N ASP A 59 -14.63 -15.24 -13.10
CA ASP A 59 -14.46 -16.59 -13.63
C ASP A 59 -13.02 -16.95 -13.77
N ILE A 60 -12.31 -16.91 -12.64
CA ILE A 60 -10.91 -17.29 -12.62
C ILE A 60 -10.82 -18.81 -12.50
N PRO A 61 -10.16 -19.47 -13.46
CA PRO A 61 -10.06 -20.92 -13.44
C PRO A 61 -9.17 -21.42 -12.31
N GLU A 62 -9.11 -22.73 -12.10
CA GLU A 62 -8.18 -23.30 -11.14
C GLU A 62 -6.77 -23.12 -11.63
N GLY A 63 -5.84 -22.98 -10.70
CA GLY A 63 -4.40 -22.88 -11.03
C GLY A 63 -3.91 -21.44 -11.03
N TYR A 64 -4.82 -20.53 -10.71
CA TYR A 64 -4.51 -19.12 -10.56
C TYR A 64 -4.61 -18.69 -9.15
N GLU A 65 -3.57 -17.99 -8.67
CA GLU A 65 -3.60 -17.37 -7.36
C GLU A 65 -3.96 -15.89 -7.45
N ILE A 66 -4.66 -15.42 -6.42
CA ILE A 66 -4.98 -14.06 -6.20
C ILE A 66 -4.21 -13.46 -5.03
N LEU A 67 -3.49 -12.35 -5.29
CA LEU A 67 -2.65 -11.69 -4.30
C LEU A 67 -2.97 -10.20 -4.20
N PHE A 68 -2.69 -9.63 -3.05
CA PHE A 68 -2.98 -8.24 -2.83
C PHE A 68 -1.72 -7.64 -2.34
N PHE A 69 -1.31 -6.57 -2.99
CA PHE A 69 -0.07 -5.94 -2.67
C PHE A 69 -0.37 -4.52 -2.36
N GLY A 70 0.35 -4.03 -1.39
CA GLY A 70 0.43 -2.64 -1.19
C GLY A 70 1.25 -2.08 -2.32
N GLY A 71 1.11 -0.75 -2.48
CA GLY A 71 1.82 0.00 -3.51
C GLY A 71 0.92 -0.01 -4.74
N GLY A 72 1.56 0.11 -5.89
CA GLY A 72 0.83 0.32 -7.08
C GLY A 72 1.34 -0.56 -8.19
N ALA A 73 0.80 -0.33 -9.37
CA ALA A 73 1.18 -1.07 -10.53
C ALA A 73 2.65 -0.94 -10.78
N SER A 74 3.27 0.17 -10.39
CA SER A 74 4.72 0.35 -10.65
C SER A 74 5.57 -0.64 -9.91
N LEU A 75 5.17 -1.02 -8.71
CA LEU A 75 5.93 -2.08 -8.05
C LEU A 75 5.86 -3.34 -8.88
N GLN A 76 4.73 -3.57 -9.56
CA GLN A 76 4.58 -4.77 -10.38
C GLN A 76 5.40 -4.71 -11.67
N PHE A 77 5.60 -3.52 -12.21
CA PHE A 77 6.50 -3.45 -13.32
C PHE A 77 7.78 -4.22 -12.95
N LEU A 78 8.31 -3.97 -11.76
CA LEU A 78 9.56 -4.58 -11.34
C LEU A 78 9.38 -6.06 -10.97
N MET A 79 8.35 -6.34 -10.17
CA MET A 79 8.11 -7.74 -9.78
C MET A 79 7.91 -8.64 -10.97
N VAL A 80 7.13 -8.19 -11.95
CA VAL A 80 6.94 -9.03 -13.10
C VAL A 80 8.29 -9.46 -13.67
N ALA A 81 9.19 -8.51 -13.85
CA ALA A 81 10.41 -8.78 -14.56
C ALA A 81 11.32 -9.65 -13.71
N MET A 82 11.34 -9.39 -12.42
CA MET A 82 12.22 -10.15 -11.53
C MET A 82 11.78 -11.62 -11.36
N ASN A 83 10.49 -11.81 -11.39
CA ASN A 83 9.94 -13.14 -11.31
C ASN A 83 9.85 -13.94 -12.61
N LEU A 84 9.88 -13.29 -13.78
CA LEU A 84 9.72 -14.03 -15.06
C LEU A 84 10.71 -13.77 -16.17
N LEU A 85 11.54 -12.76 -16.05
CA LEU A 85 12.50 -12.48 -17.09
C LEU A 85 13.79 -13.20 -16.72
N ASN A 86 14.01 -14.33 -17.39
CA ASN A 86 15.22 -15.13 -17.19
C ASN A 86 16.32 -14.70 -18.19
N LYS A 87 16.03 -14.87 -19.48
CA LYS A 87 16.91 -14.45 -20.58
C LYS A 87 16.41 -13.15 -21.17
N LYS A 88 15.21 -13.21 -21.73
CA LYS A 88 14.64 -12.09 -22.43
C LYS A 88 13.10 -12.14 -22.48
N ALA A 89 12.50 -10.96 -22.63
CA ALA A 89 11.04 -10.81 -22.71
C ALA A 89 10.62 -9.77 -23.74
N CYS A 90 9.38 -9.83 -24.18
CA CYS A 90 8.93 -8.83 -25.11
C CYS A 90 7.73 -8.00 -24.61
N TYR A 91 7.64 -6.80 -25.12
CA TYR A 91 6.67 -5.82 -24.69
C TYR A 91 6.08 -5.09 -25.91
N LEU A 92 4.82 -4.66 -25.75
CA LEU A 92 4.16 -3.79 -26.69
C LEU A 92 4.10 -2.39 -26.11
N ASP A 93 4.61 -1.44 -26.87
CA ASP A 93 4.67 -0.03 -26.41
C ASP A 93 3.49 0.78 -26.92
N THR A 94 2.44 0.84 -26.11
CA THR A 94 1.21 1.56 -26.46
C THR A 94 0.94 2.77 -25.63
N GLY A 95 1.94 3.30 -24.92
CA GLY A 95 1.68 4.46 -24.07
C GLY A 95 2.67 4.73 -22.96
N VAL A 96 2.30 5.66 -22.09
CA VAL A 96 3.14 6.05 -20.98
C VAL A 96 3.30 4.89 -20.04
N TRP A 97 2.21 4.23 -19.67
CA TRP A 97 2.30 3.13 -18.69
C TRP A 97 3.03 1.97 -19.29
N ALA A 98 2.72 1.64 -20.54
CA ALA A 98 3.46 0.60 -21.21
C ALA A 98 4.94 0.91 -21.24
N SER A 99 5.28 2.17 -21.48
CA SER A 99 6.69 2.59 -21.63
C SER A 99 7.42 2.54 -20.30
N LYS A 100 6.72 2.91 -19.23
CA LYS A 100 7.30 2.80 -17.92
C LYS A 100 7.52 1.32 -17.52
N ALA A 101 6.60 0.42 -17.91
CA ALA A 101 6.83 -1.00 -17.63
C ALA A 101 8.08 -1.50 -18.32
N ILE A 102 8.25 -1.07 -19.59
CA ILE A 102 9.32 -1.53 -20.44
C ILE A 102 10.63 -1.11 -19.85
N LYS A 103 10.71 0.14 -19.45
CA LYS A 103 11.90 0.68 -18.83
C LYS A 103 12.33 -0.05 -17.54
N GLU A 104 11.39 -0.31 -16.66
CA GLU A 104 11.73 -0.97 -15.44
C GLU A 104 12.25 -2.35 -15.74
N ALA A 105 11.60 -3.04 -16.68
CA ALA A 105 12.03 -4.34 -17.14
C ALA A 105 13.39 -4.34 -17.78
N GLU A 106 13.70 -3.29 -18.52
CA GLU A 106 15.02 -3.17 -19.16
C GLU A 106 16.14 -3.04 -18.16
N ASN A 107 15.89 -2.38 -17.03
CA ASN A 107 16.86 -2.34 -15.93
C ASN A 107 17.14 -3.72 -15.30
N ILE A 108 16.30 -4.72 -15.57
CA ILE A 108 16.49 -6.06 -15.05
C ILE A 108 17.15 -7.01 -16.04
N GLY A 109 16.78 -6.90 -17.31
CA GLY A 109 17.33 -7.77 -18.34
C GLY A 109 16.85 -7.36 -19.71
N GLU A 110 17.03 -8.25 -20.67
CA GLU A 110 16.85 -7.92 -22.09
C GLU A 110 15.38 -7.84 -22.49
N VAL A 111 15.01 -6.72 -23.14
CA VAL A 111 13.66 -6.52 -23.60
C VAL A 111 13.62 -6.23 -25.09
N LYS A 112 12.84 -7.00 -25.83
CA LYS A 112 12.49 -6.61 -27.16
C LYS A 112 11.12 -5.93 -27.17
N ILE A 113 11.10 -4.72 -27.70
CA ILE A 113 9.86 -4.01 -27.90
C ILE A 113 9.34 -4.42 -29.26
N ILE A 114 8.32 -5.27 -29.32
CA ILE A 114 7.88 -5.83 -30.62
C ILE A 114 6.91 -4.98 -31.40
N GLY A 115 6.53 -3.83 -30.88
CA GLY A 115 5.64 -2.93 -31.61
C GLY A 115 5.38 -1.69 -30.80
N THR A 116 5.25 -0.54 -31.44
CA THR A 116 5.08 0.73 -30.78
C THR A 116 4.25 1.66 -31.65
N SER A 117 3.48 2.53 -31.03
CA SER A 117 2.70 3.52 -31.76
C SER A 117 3.18 4.90 -31.38
N LYS A 118 4.43 4.96 -30.93
CA LYS A 118 5.02 6.21 -30.51
C LYS A 118 5.07 7.21 -31.69
N ASP A 119 5.15 6.67 -32.91
CA ASP A 119 5.23 7.47 -34.12
C ASP A 119 4.07 8.45 -34.25
N LYS A 120 2.90 8.12 -33.75
CA LYS A 120 1.75 9.05 -33.89
C LYS A 120 1.15 9.42 -32.56
N ASN A 121 2.00 9.71 -31.59
CA ASN A 121 1.56 10.02 -30.23
C ASN A 121 0.56 9.00 -29.63
N TYR A 122 0.84 7.72 -29.87
CA TYR A 122 0.08 6.57 -29.37
C TYR A 122 -1.43 6.65 -29.63
N THR A 123 -1.79 7.23 -30.76
CA THR A 123 -3.17 7.30 -31.21
C THR A 123 -3.75 5.99 -31.76
N TYR A 124 -2.93 4.95 -31.93
CA TYR A 124 -3.40 3.65 -32.46
C TYR A 124 -2.62 2.48 -31.82
N ILE A 125 -3.13 1.26 -31.99
CA ILE A 125 -2.46 0.06 -31.44
C ILE A 125 -1.74 -0.64 -32.55
N PRO A 126 -0.42 -0.78 -32.41
CA PRO A 126 0.36 -1.31 -33.53
C PRO A 126 0.09 -2.79 -33.81
N GLU A 127 0.58 -3.28 -34.94
CA GLU A 127 0.59 -4.70 -35.26
C GLU A 127 1.88 -5.23 -34.63
N TYR A 128 1.94 -6.55 -34.44
CA TYR A 128 3.12 -7.16 -33.86
C TYR A 128 3.04 -8.65 -34.08
N GLN A 129 4.20 -9.29 -34.12
CA GLN A 129 4.28 -10.73 -34.18
C GLN A 129 4.99 -11.17 -32.90
N ILE A 130 4.38 -12.09 -32.17
CA ILE A 130 4.92 -12.52 -30.90
C ILE A 130 5.95 -13.62 -31.13
N PRO A 131 7.24 -13.35 -30.83
CA PRO A 131 8.25 -14.39 -31.00
C PRO A 131 8.09 -15.46 -29.94
N SER A 132 8.37 -16.70 -30.32
CA SER A 132 8.01 -17.86 -29.51
C SER A 132 9.08 -18.21 -28.50
N ASP A 133 10.24 -17.60 -28.62
CA ASP A 133 11.34 -17.94 -27.71
C ASP A 133 11.64 -16.89 -26.65
N TYR A 134 10.74 -15.95 -26.40
CA TYR A 134 10.88 -15.02 -25.28
C TYR A 134 10.16 -15.57 -24.04
N ASP A 135 10.60 -15.17 -22.86
CA ASP A 135 10.05 -15.70 -21.60
C ASP A 135 8.61 -15.29 -21.39
N TYR A 136 8.25 -14.08 -21.81
CA TYR A 136 6.86 -13.65 -21.68
C TYR A 136 6.62 -12.48 -22.55
N PHE A 137 5.35 -12.19 -22.77
CA PHE A 137 4.93 -11.05 -23.54
C PHE A 137 4.01 -10.18 -22.68
N HIS A 138 4.40 -8.92 -22.53
CA HIS A 138 3.70 -7.99 -21.67
C HIS A 138 2.94 -6.95 -22.48
N ILE A 139 1.66 -6.78 -22.19
CA ILE A 139 0.87 -5.68 -22.77
C ILE A 139 0.18 -4.81 -21.72
N THR A 140 -0.24 -3.61 -22.15
CA THR A 140 -1.03 -2.69 -21.37
C THR A 140 -2.36 -2.61 -22.07
N THR A 141 -3.42 -3.14 -21.47
CA THR A 141 -4.65 -3.34 -22.28
C THR A 141 -5.49 -2.08 -22.50
N ASN A 142 -5.42 -1.15 -21.56
CA ASN A 142 -6.05 0.12 -21.73
C ASN A 142 -4.98 1.18 -21.44
N ASN A 143 -4.73 2.04 -22.40
CA ASN A 143 -3.66 3.01 -22.25
C ASN A 143 -4.27 4.30 -21.80
N THR A 144 -4.18 4.51 -20.51
CA THR A 144 -5.00 5.49 -19.79
C THR A 144 -4.84 6.91 -20.28
N ILE A 145 -3.64 7.25 -20.71
CA ILE A 145 -3.33 8.65 -21.03
C ILE A 145 -3.74 9.02 -22.45
N TYR A 146 -3.66 8.04 -23.35
CA TYR A 146 -3.98 8.25 -24.76
C TYR A 146 -5.35 7.77 -25.20
N GLY A 147 -6.08 7.06 -24.35
CA GLY A 147 -7.41 6.58 -24.71
C GLY A 147 -7.46 5.50 -25.78
N THR A 148 -6.44 4.67 -25.88
CA THR A 148 -6.52 3.47 -26.71
C THR A 148 -6.69 2.22 -25.85
N GLU A 149 -7.38 1.23 -26.37
CA GLU A 149 -7.43 -0.08 -25.77
C GLU A 149 -7.28 -1.12 -26.84
N ILE A 150 -7.02 -2.35 -26.42
CA ILE A 150 -6.75 -3.50 -27.30
C ILE A 150 -8.02 -4.33 -27.46
N ARG A 151 -8.27 -4.78 -28.68
CA ARG A 151 -9.54 -5.42 -29.05
C ARG A 151 -9.32 -6.88 -29.38
N LYS A 152 -8.41 -7.12 -30.32
CA LYS A 152 -8.09 -8.48 -30.77
C LYS A 152 -8.01 -9.38 -29.54
N ASP A 153 -8.59 -10.58 -29.64
CA ASP A 153 -8.49 -11.57 -28.58
C ASP A 153 -7.12 -12.17 -28.71
N ILE A 154 -6.28 -11.96 -27.70
CA ILE A 154 -4.87 -12.25 -27.87
C ILE A 154 -4.64 -13.64 -27.35
N GLU A 155 -3.95 -14.42 -28.17
CA GLU A 155 -3.71 -15.83 -27.91
C GLU A 155 -2.22 -15.95 -28.05
N SER A 156 -1.50 -15.89 -26.94
CA SER A 156 -0.05 -15.83 -27.01
C SER A 156 0.53 -17.25 -26.93
N PRO A 157 1.58 -17.54 -27.71
CA PRO A 157 2.25 -18.82 -27.57
C PRO A 157 3.22 -18.85 -26.38
N ILE A 158 3.49 -17.69 -25.80
CA ILE A 158 4.29 -17.61 -24.58
C ILE A 158 3.41 -16.95 -23.51
N PRO A 159 3.86 -16.98 -22.24
CA PRO A 159 3.07 -16.45 -21.18
C PRO A 159 2.72 -14.97 -21.40
N LEU A 160 1.43 -14.64 -21.24
CA LEU A 160 0.91 -13.34 -21.49
C LEU A 160 0.71 -12.64 -20.18
N VAL A 161 1.40 -11.52 -20.00
CA VAL A 161 1.33 -10.69 -18.80
C VAL A 161 0.60 -9.40 -19.21
N ALA A 162 -0.28 -8.87 -18.35
CA ALA A 162 -1.04 -7.67 -18.76
C ALA A 162 -1.31 -6.72 -17.64
N ASP A 163 -1.06 -5.43 -17.88
CA ASP A 163 -1.37 -4.37 -16.94
C ASP A 163 -2.78 -3.83 -17.18
N MET A 164 -3.72 -4.25 -16.36
CA MET A 164 -5.08 -3.86 -16.52
C MET A 164 -5.48 -2.85 -15.51
N SER A 165 -4.56 -1.99 -15.12
CA SER A 165 -4.87 -0.98 -14.11
C SER A 165 -6.08 -0.13 -14.46
N SER A 166 -6.23 0.26 -15.72
CA SER A 166 -7.34 1.13 -16.11
C SER A 166 -8.56 0.40 -16.68
N ASP A 167 -8.55 -0.92 -16.79
CA ASP A 167 -9.78 -1.60 -17.25
C ASP A 167 -10.21 -2.84 -16.51
N ILE A 168 -9.52 -3.21 -15.44
CA ILE A 168 -9.96 -4.38 -14.69
C ILE A 168 -11.37 -4.16 -14.12
N LEU A 169 -12.21 -5.20 -14.21
CA LEU A 169 -13.60 -5.15 -13.75
C LEU A 169 -14.52 -4.18 -14.55
N SER A 170 -14.18 -3.86 -15.80
CA SER A 170 -15.07 -3.08 -16.68
C SER A 170 -15.81 -3.97 -17.64
N LYS A 171 -15.46 -5.25 -17.67
CA LYS A 171 -16.02 -6.18 -18.63
C LYS A 171 -15.44 -7.56 -18.34
N PRO A 172 -16.14 -8.64 -18.78
CA PRO A 172 -15.59 -9.96 -18.59
C PRO A 172 -14.43 -10.24 -19.52
N ILE A 173 -13.44 -10.97 -19.03
CA ILE A 173 -12.31 -11.39 -19.85
C ILE A 173 -12.05 -12.88 -19.71
N ASP A 174 -11.38 -13.45 -20.70
CA ASP A 174 -11.04 -14.86 -20.66
C ASP A 174 -9.73 -15.00 -19.94
N ILE A 175 -9.82 -15.26 -18.64
CA ILE A 175 -8.64 -15.27 -17.81
C ILE A 175 -7.63 -16.30 -18.29
N SER A 176 -8.10 -17.39 -18.90
CA SER A 176 -7.19 -18.49 -19.29
C SER A 176 -6.22 -18.07 -20.35
N LYS A 177 -6.53 -16.99 -21.06
CA LYS A 177 -5.61 -16.46 -22.04
C LYS A 177 -4.35 -15.88 -21.37
N TYR A 178 -4.46 -15.45 -20.12
CA TYR A 178 -3.36 -14.78 -19.43
C TYR A 178 -2.63 -15.65 -18.42
N SER A 179 -1.33 -15.42 -18.31
CA SER A 179 -0.51 -16.01 -17.25
C SER A 179 -0.33 -15.09 -16.08
N LEU A 180 -0.45 -13.77 -16.24
CA LEU A 180 -0.37 -12.85 -15.09
C LEU A 180 -1.09 -11.58 -15.41
N ILE A 181 -2.04 -11.21 -14.56
CA ILE A 181 -2.80 -9.96 -14.72
C ILE A 181 -2.55 -9.11 -13.48
N TYR A 182 -2.39 -7.81 -13.62
CA TYR A 182 -2.28 -6.96 -12.44
C TYR A 182 -2.94 -5.61 -12.61
N ALA A 183 -3.34 -5.00 -11.51
CA ALA A 183 -4.06 -3.76 -11.54
C ALA A 183 -3.86 -2.99 -10.27
N GLY A 184 -3.22 -1.80 -10.36
CA GLY A 184 -3.33 -0.77 -9.36
C GLY A 184 -4.82 -0.54 -9.31
N ALA A 185 -5.39 -0.20 -8.18
CA ALA A 185 -6.81 -0.49 -8.03
C ALA A 185 -7.67 0.77 -7.85
N GLN A 186 -7.05 1.94 -8.05
CA GLN A 186 -7.73 3.24 -7.91
C GLN A 186 -8.55 3.69 -9.16
N LYS A 187 -9.14 2.74 -9.88
CA LYS A 187 -9.92 3.04 -11.08
C LYS A 187 -10.90 1.90 -11.42
N ASN A 188 -11.94 1.77 -10.61
CA ASN A 188 -13.08 0.88 -10.87
C ASN A 188 -13.27 -0.06 -9.72
N CYS A 189 -12.13 -0.63 -9.33
CA CYS A 189 -12.01 -1.90 -8.65
C CYS A 189 -11.73 -1.68 -7.17
N GLY A 190 -11.39 -0.45 -6.78
CA GLY A 190 -11.05 -0.19 -5.38
C GLY A 190 -10.43 1.16 -5.11
N ALA A 191 -9.86 1.29 -3.93
CA ALA A 191 -9.30 2.51 -3.49
C ALA A 191 -7.79 2.43 -3.42
N ALA A 192 -7.15 3.59 -3.54
CA ALA A 192 -5.72 3.72 -3.57
C ALA A 192 -5.11 3.05 -2.35
N GLY A 193 -4.01 2.34 -2.60
CA GLY A 193 -3.28 1.61 -1.57
C GLY A 193 -3.15 0.12 -1.83
N VAL A 194 -3.88 -0.41 -2.82
CA VAL A 194 -3.83 -1.82 -3.12
C VAL A 194 -3.67 -2.11 -4.59
N THR A 195 -2.96 -3.20 -4.89
CA THR A 195 -2.78 -3.69 -6.25
C THR A 195 -3.15 -5.17 -6.28
N ILE A 196 -3.93 -5.55 -7.25
CA ILE A 196 -4.34 -6.94 -7.42
C ILE A 196 -3.38 -7.61 -8.38
N VAL A 197 -3.08 -8.87 -8.09
CA VAL A 197 -2.33 -9.71 -9.00
C VAL A 197 -3.03 -11.05 -9.08
N ILE A 198 -3.31 -11.47 -10.31
CA ILE A 198 -3.92 -12.73 -10.60
C ILE A 198 -2.96 -13.52 -11.44
N ILE A 199 -2.50 -14.67 -10.93
CA ILE A 199 -1.31 -15.30 -11.49
C ILE A 199 -1.40 -16.80 -11.62
N LYS A 200 -1.00 -17.29 -12.78
CA LYS A 200 -1.03 -18.70 -13.04
C LYS A 200 0.23 -19.25 -12.44
N LYS A 201 0.13 -19.74 -11.23
CA LYS A 201 1.32 -20.23 -10.48
C LYS A 201 2.36 -21.05 -11.25
N GLU A 202 1.98 -21.91 -12.20
CA GLU A 202 2.99 -22.76 -12.88
C GLU A 202 4.07 -22.02 -13.71
N ILE A 203 3.91 -20.71 -13.92
CA ILE A 203 4.96 -19.89 -14.60
C ILE A 203 6.14 -19.47 -13.68
N LEU A 204 5.99 -19.63 -12.38
CA LEU A 204 7.01 -19.16 -11.44
C LEU A 204 8.05 -20.23 -11.33
N GLY A 205 9.24 -19.85 -10.89
CA GLY A 205 10.30 -20.80 -10.56
C GLY A 205 11.31 -20.99 -11.66
N LYS A 206 11.22 -20.19 -12.73
CA LYS A 206 11.98 -20.46 -13.97
C LYS A 206 12.98 -19.35 -14.27
N VAL A 207 13.50 -18.72 -13.23
CA VAL A 207 14.43 -17.62 -13.39
C VAL A 207 15.71 -17.94 -12.62
N GLN A 208 16.89 -17.77 -13.24
CA GLN A 208 18.18 -18.07 -12.57
C GLN A 208 18.58 -16.98 -11.57
N ARG A 209 18.13 -15.74 -11.77
CA ARG A 209 18.44 -14.63 -10.87
C ARG A 209 17.84 -14.89 -9.50
N LYS A 210 18.55 -14.43 -8.48
CA LYS A 210 18.04 -14.31 -7.11
C LYS A 210 16.95 -13.25 -7.06
N ILE A 211 15.91 -13.49 -6.32
CA ILE A 211 14.88 -12.51 -6.14
C ILE A 211 14.77 -12.18 -4.66
N PRO A 212 14.80 -10.90 -4.33
CA PRO A 212 14.54 -10.53 -2.97
C PRO A 212 13.22 -11.11 -2.50
N ILE A 213 13.21 -11.51 -1.24
CA ILE A 213 12.08 -12.15 -0.61
C ILE A 213 10.80 -11.34 -0.73
N ILE A 214 10.88 -10.06 -0.44
CA ILE A 214 9.70 -9.21 -0.53
C ILE A 214 9.21 -9.01 -1.99
N LEU A 215 10.04 -9.30 -2.98
CA LEU A 215 9.61 -9.22 -4.35
C LEU A 215 9.27 -10.55 -5.02
N ASP A 216 9.23 -11.63 -4.27
CA ASP A 216 9.14 -12.98 -4.83
C ASP A 216 7.68 -13.39 -4.74
N TYR A 217 7.01 -13.59 -5.88
CA TYR A 217 5.57 -13.91 -5.84
C TYR A 217 5.29 -15.22 -5.05
N GLN A 218 6.19 -16.19 -5.14
CA GLN A 218 6.06 -17.44 -4.38
C GLN A 218 5.95 -17.22 -2.87
N VAL A 219 6.81 -16.39 -2.31
CA VAL A 219 6.70 -16.13 -0.92
C VAL A 219 5.36 -15.58 -0.57
N HIS A 220 4.82 -14.72 -1.43
CA HIS A 220 3.48 -14.16 -1.18
C HIS A 220 2.37 -15.20 -1.27
N ILE A 221 2.46 -16.06 -2.25
CA ILE A 221 1.43 -17.06 -2.47
C ILE A 221 1.43 -18.01 -1.27
N LEU A 222 2.63 -18.43 -0.84
CA LEU A 222 2.78 -19.35 0.32
C LEU A 222 2.15 -18.78 1.57
N ASN A 223 2.06 -17.45 1.65
CA ASN A 223 1.45 -16.82 2.80
C ASN A 223 0.14 -16.19 2.55
N ASN A 224 -0.55 -16.51 1.45
CA ASN A 224 -1.89 -15.90 1.15
C ASN A 224 -1.93 -14.37 1.27
N SER A 225 -0.91 -13.70 0.72
CA SER A 225 -0.76 -12.24 0.75
C SER A 225 -0.69 -11.67 2.12
N MET A 226 -0.31 -12.49 3.10
CA MET A 226 -0.01 -11.90 4.38
C MET A 226 1.38 -12.30 4.85
N TYR A 227 2.27 -12.49 3.89
CA TYR A 227 3.67 -12.56 4.21
C TYR A 227 4.00 -11.42 5.15
N ASN A 228 3.50 -10.24 4.83
CA ASN A 228 3.59 -9.17 5.80
C ASN A 228 2.28 -8.44 5.88
N THR A 229 2.24 -7.32 6.57
CA THR A 229 0.99 -6.61 6.80
C THR A 229 0.38 -6.19 5.45
N PRO A 230 -0.88 -6.56 5.18
CA PRO A 230 -1.47 -6.14 3.94
C PRO A 230 -2.26 -4.86 4.15
N PRO A 231 -2.62 -4.18 3.05
CA PRO A 231 -3.41 -2.95 3.09
C PRO A 231 -4.92 -3.18 3.34
N VAL A 232 -5.28 -3.40 4.61
CA VAL A 232 -6.58 -3.95 5.03
C VAL A 232 -7.78 -3.19 4.48
N ILE A 233 -7.81 -1.89 4.72
CA ILE A 233 -8.94 -1.09 4.32
C ILE A 233 -9.13 -1.02 2.81
N SER A 234 -8.04 -0.86 2.07
CA SER A 234 -8.13 -0.85 0.60
C SER A 234 -8.66 -2.20 0.08
N ILE A 235 -8.27 -3.28 0.75
CA ILE A 235 -8.70 -4.62 0.39
C ILE A 235 -10.18 -4.77 0.68
N PHE A 236 -10.61 -4.25 1.82
CA PHE A 236 -12.04 -4.22 2.09
C PHE A 236 -12.85 -3.50 0.97
N THR A 237 -12.37 -2.36 0.48
CA THR A 237 -13.11 -1.62 -0.55
C THR A 237 -13.22 -2.47 -1.82
N VAL A 238 -12.17 -3.23 -2.13
CA VAL A 238 -12.25 -4.19 -3.24
C VAL A 238 -13.29 -5.26 -2.98
N ASN A 239 -13.39 -5.69 -1.73
CA ASN A 239 -14.36 -6.69 -1.35
C ASN A 239 -15.78 -6.19 -1.61
N GLN A 240 -16.06 -4.95 -1.24
CA GLN A 240 -17.39 -4.35 -1.47
C GLN A 240 -17.71 -4.10 -2.93
N THR A 241 -16.75 -3.53 -3.66
CA THR A 241 -16.88 -3.33 -5.09
C THR A 241 -17.27 -4.60 -5.81
N LEU A 242 -16.66 -5.72 -5.41
CA LEU A 242 -17.04 -7.02 -5.96
C LEU A 242 -18.46 -7.44 -5.59
N LYS A 243 -18.86 -7.18 -4.36
CA LYS A 243 -20.25 -7.42 -3.96
C LYS A 243 -21.24 -6.58 -4.82
N TYR A 244 -20.95 -5.30 -4.99
CA TYR A 244 -21.83 -4.45 -5.80
C TYR A 244 -21.94 -4.94 -7.26
N ILE A 245 -20.81 -5.28 -7.86
CA ILE A 245 -20.82 -5.77 -9.25
C ILE A 245 -21.68 -7.02 -9.40
N LYS A 246 -21.71 -7.83 -8.37
CA LYS A 246 -22.45 -9.07 -8.41
C LYS A 246 -23.92 -8.77 -8.25
N LYS A 247 -24.23 -7.90 -7.29
CA LYS A 247 -25.60 -7.49 -7.06
C LYS A 247 -26.26 -6.98 -8.34
N ILE A 248 -25.57 -6.08 -9.02
CA ILE A 248 -26.16 -5.44 -10.21
C ILE A 248 -26.05 -6.35 -11.46
N GLY A 249 -25.59 -7.58 -11.29
CA GLY A 249 -25.73 -8.61 -12.33
C GLY A 249 -24.48 -8.90 -13.13
N GLY A 250 -23.31 -8.58 -12.58
CA GLY A 250 -22.05 -9.07 -13.13
C GLY A 250 -21.38 -8.19 -14.17
N LEU A 251 -20.27 -8.71 -14.68
CA LEU A 251 -19.45 -7.98 -15.61
C LEU A 251 -20.07 -7.83 -17.00
N LYS A 252 -20.95 -8.73 -17.40
CA LYS A 252 -21.74 -8.52 -18.63
C LYS A 252 -22.53 -7.19 -18.57
N LYS A 253 -23.25 -6.96 -17.48
CA LYS A 253 -24.04 -5.75 -17.29
C LYS A 253 -23.18 -4.49 -17.23
N ILE A 254 -22.15 -4.55 -16.38
CA ILE A 254 -21.20 -3.45 -16.23
C ILE A 254 -20.64 -3.04 -17.59
N GLN A 255 -20.43 -4.01 -18.47
CA GLN A 255 -19.90 -3.71 -19.81
C GLN A 255 -20.92 -2.95 -20.66
N GLU A 256 -22.14 -3.45 -20.71
CA GLU A 256 -23.19 -2.81 -21.50
C GLU A 256 -23.32 -1.35 -21.12
N LEU A 257 -23.45 -1.07 -19.83
CA LEU A 257 -23.53 0.30 -19.35
C LEU A 257 -22.34 1.17 -19.77
N ASN A 258 -21.12 0.64 -19.61
CA ASN A 258 -19.93 1.35 -20.06
C ASN A 258 -19.90 1.56 -21.60
N GLU A 259 -20.24 0.54 -22.38
CA GLU A 259 -20.17 0.64 -23.82
C GLU A 259 -21.08 1.76 -24.32
N GLU A 260 -22.24 1.84 -23.68
CA GLU A 260 -23.20 2.83 -23.94
C GLU A 260 -22.66 4.23 -23.62
N LYS A 261 -22.21 4.41 -22.39
CA LYS A 261 -21.64 5.68 -21.98
C LYS A 261 -20.56 6.18 -22.95
N ALA A 262 -19.63 5.32 -23.33
CA ALA A 262 -18.65 5.68 -24.34
C ALA A 262 -19.25 5.99 -25.71
N ARG A 263 -20.24 5.20 -26.13
CA ARG A 263 -20.84 5.38 -27.45
C ARG A 263 -21.47 6.76 -27.60
N LEU A 264 -22.15 7.23 -26.56
CA LEU A 264 -22.78 8.55 -26.58
C LEU A 264 -21.73 9.63 -26.68
N LEU A 265 -20.69 9.49 -25.87
CA LEU A 265 -19.71 10.54 -25.76
C LEU A 265 -18.90 10.65 -27.02
N TYR A 266 -18.56 9.53 -27.64
CA TYR A 266 -17.85 9.57 -28.93
C TYR A 266 -18.74 10.19 -30.04
N ALA A 267 -20.04 9.90 -29.98
CA ALA A 267 -20.94 10.44 -31.01
C ALA A 267 -20.95 11.95 -30.89
N GLU A 268 -21.10 12.45 -29.67
CA GLU A 268 -20.98 13.89 -29.44
C GLU A 268 -19.61 14.46 -29.89
N ILE A 269 -18.51 13.79 -29.58
CA ILE A 269 -17.22 14.30 -29.98
C ILE A 269 -17.11 14.46 -31.49
N ASP A 270 -17.58 13.45 -32.19
CA ASP A 270 -17.60 13.43 -33.65
C ASP A 270 -18.60 14.41 -34.27
N ARG A 271 -19.75 14.60 -33.64
CA ARG A 271 -20.76 15.51 -34.17
C ARG A 271 -20.34 16.99 -34.05
N ASN A 272 -19.72 17.31 -32.92
CA ASN A 272 -19.39 18.64 -32.50
C ASN A 272 -18.12 19.14 -33.19
N LYS A 273 -18.21 20.31 -33.81
CA LYS A 273 -17.14 20.87 -34.64
C LYS A 273 -16.08 21.55 -33.81
N ILE A 274 -16.42 21.86 -32.57
CA ILE A 274 -15.40 22.34 -31.62
C ILE A 274 -14.32 21.27 -31.35
N PHE A 275 -14.72 20.00 -31.38
CA PHE A 275 -13.90 18.91 -30.87
C PHE A 275 -13.63 17.79 -31.89
N ARG A 276 -12.55 17.07 -31.63
CA ARG A 276 -12.18 15.90 -32.39
C ARG A 276 -11.54 14.84 -31.45
N GLY A 277 -11.83 13.57 -31.68
CA GLY A 277 -11.20 12.49 -30.90
C GLY A 277 -9.78 12.35 -31.41
N THR A 278 -8.81 12.19 -30.49
CA THR A 278 -7.42 12.00 -30.87
C THR A 278 -7.18 10.66 -31.51
N VAL A 279 -7.98 9.67 -31.12
CA VAL A 279 -7.62 8.27 -31.33
C VAL A 279 -8.37 7.67 -32.49
N ARG A 280 -7.68 6.77 -33.20
CA ARG A 280 -8.23 6.04 -34.33
C ARG A 280 -9.44 5.27 -33.86
N LYS A 281 -10.47 5.23 -34.69
CA LYS A 281 -11.83 4.80 -34.30
C LYS A 281 -11.95 3.38 -33.76
N LYS A 282 -11.18 2.48 -34.39
CA LYS A 282 -11.25 1.06 -34.07
C LYS A 282 -10.51 0.74 -32.76
N ASP A 283 -9.57 1.58 -32.37
CA ASP A 283 -8.78 1.40 -31.16
C ASP A 283 -9.29 2.27 -29.99
N ARG A 284 -10.46 2.88 -30.15
CA ARG A 284 -11.01 3.74 -29.12
C ARG A 284 -11.23 3.01 -27.79
N SER A 285 -10.68 3.55 -26.71
CA SER A 285 -10.96 3.02 -25.38
C SER A 285 -12.33 3.43 -24.88
N ILE A 286 -12.99 2.47 -24.27
CA ILE A 286 -14.29 2.69 -23.67
C ILE A 286 -14.20 3.24 -22.24
N MET A 287 -12.98 3.37 -21.72
CA MET A 287 -12.73 3.81 -20.36
C MET A 287 -12.18 5.22 -20.29
N ASN A 288 -11.26 5.55 -21.19
CA ASN A 288 -10.61 6.87 -21.20
C ASN A 288 -10.78 7.48 -22.58
N VAL A 289 -11.57 8.56 -22.63
CA VAL A 289 -12.09 9.12 -23.87
C VAL A 289 -11.35 10.40 -24.10
N CYS A 290 -10.43 10.38 -25.07
CA CYS A 290 -9.57 11.50 -25.35
C CYS A 290 -10.05 12.26 -26.59
N PHE A 291 -10.07 13.59 -26.44
CA PHE A 291 -10.55 14.52 -27.48
C PHE A 291 -9.91 15.87 -27.28
N VAL A 292 -9.56 16.52 -28.40
CA VAL A 292 -8.93 17.84 -28.35
C VAL A 292 -9.73 18.85 -29.15
N MET A 293 -9.37 20.13 -29.03
CA MET A 293 -9.99 21.19 -29.84
C MET A 293 -9.64 20.92 -31.30
N GLU A 294 -10.60 21.05 -32.21
CA GLU A 294 -10.26 21.22 -33.62
C GLU A 294 -9.25 22.38 -33.69
N GLU A 295 -8.34 22.33 -34.68
CA GLU A 295 -7.33 23.39 -34.89
C GLU A 295 -7.94 24.79 -35.05
N GLN A 296 -9.07 24.84 -35.74
CA GLN A 296 -9.78 26.10 -35.90
C GLN A 296 -10.11 26.75 -34.53
N TYR A 297 -10.39 25.93 -33.52
CA TYR A 297 -10.83 26.45 -32.21
C TYR A 297 -9.79 26.26 -31.12
N LYS A 298 -8.56 25.95 -31.52
CA LYS A 298 -7.41 25.70 -30.66
C LYS A 298 -7.29 26.66 -29.48
N GLN A 299 -7.48 27.95 -29.74
CA GLN A 299 -7.33 28.98 -28.69
C GLN A 299 -8.42 28.93 -27.59
N LEU A 300 -9.53 28.24 -27.86
CA LEU A 300 -10.61 28.08 -26.87
C LEU A 300 -10.36 27.03 -25.79
N GLU A 301 -9.21 26.35 -25.83
CA GLU A 301 -8.98 25.20 -24.96
C GLU A 301 -9.23 25.60 -23.51
N ASN A 302 -8.51 26.63 -23.04
CA ASN A 302 -8.65 27.11 -21.67
C ASN A 302 -10.05 27.64 -21.37
N GLU A 303 -10.65 28.33 -22.33
CA GLU A 303 -11.98 28.92 -22.13
C GLU A 303 -12.98 27.79 -21.83
N PHE A 304 -12.82 26.64 -22.50
CA PHE A 304 -13.74 25.54 -22.29
C PHE A 304 -13.53 24.81 -20.96
N SER A 305 -12.27 24.64 -20.55
CA SER A 305 -12.01 24.09 -19.22
C SER A 305 -12.82 24.86 -18.18
N GLU A 306 -12.66 26.19 -18.18
CA GLU A 306 -13.35 27.06 -17.22
C GLU A 306 -14.86 26.92 -17.35
N TYR A 307 -15.33 26.81 -18.59
CA TYR A 307 -16.76 26.63 -18.84
C TYR A 307 -17.27 25.31 -18.30
N ALA A 308 -16.53 24.22 -18.50
CA ALA A 308 -16.91 22.94 -17.90
C ALA A 308 -16.95 23.05 -16.37
N LEU A 309 -15.89 23.61 -15.79
CA LEU A 309 -15.79 23.79 -14.34
C LEU A 309 -16.97 24.58 -13.80
N GLN A 310 -17.33 25.71 -14.43
CA GLN A 310 -18.49 26.47 -13.96
C GLN A 310 -19.76 25.61 -13.98
N LYS A 311 -19.85 24.72 -14.96
CA LYS A 311 -21.01 23.83 -15.10
C LYS A 311 -20.92 22.57 -14.22
N GLY A 312 -19.91 22.48 -13.37
CA GLY A 312 -19.81 21.40 -12.40
C GLY A 312 -19.13 20.13 -12.87
N ILE A 313 -18.49 20.17 -14.05
CA ILE A 313 -17.70 19.05 -14.53
C ILE A 313 -16.24 19.23 -14.15
N ILE A 314 -15.68 18.19 -13.53
CA ILE A 314 -14.35 18.26 -12.92
C ILE A 314 -13.45 17.09 -13.37
N GLY A 315 -12.15 17.37 -13.48
CA GLY A 315 -11.13 16.35 -13.70
C GLY A 315 -11.07 15.72 -15.08
N ILE A 316 -11.47 16.48 -16.09
CA ILE A 316 -11.44 16.03 -17.47
C ILE A 316 -10.20 16.55 -18.17
N LYS A 317 -9.29 17.21 -17.47
CA LYS A 317 -8.14 17.76 -18.16
C LYS A 317 -7.30 16.59 -18.58
N GLY A 318 -6.69 16.70 -19.76
CA GLY A 318 -5.82 15.67 -20.26
C GLY A 318 -4.50 15.70 -19.53
N HIS A 319 -3.77 14.58 -19.59
CA HIS A 319 -2.40 14.60 -19.14
C HIS A 319 -1.67 15.57 -20.05
N ARG A 320 -0.56 16.12 -19.56
CA ARG A 320 0.22 17.13 -20.29
C ARG A 320 0.51 16.72 -21.76
N SER A 321 1.24 15.63 -21.97
CA SER A 321 1.62 15.11 -23.30
C SER A 321 0.58 15.18 -24.42
N VAL A 322 -0.70 15.08 -24.11
CA VAL A 322 -1.74 15.24 -25.17
C VAL A 322 -2.34 16.64 -25.16
N GLY A 323 -2.42 17.23 -23.97
CA GLY A 323 -3.26 18.40 -23.77
C GLY A 323 -4.70 17.95 -23.99
N GLY A 324 -5.52 18.87 -24.44
CA GLY A 324 -6.90 18.59 -24.58
C GLY A 324 -7.49 17.97 -23.34
N PHE A 325 -8.37 17.00 -23.56
CA PHE A 325 -9.26 16.52 -22.54
C PHE A 325 -9.32 15.00 -22.55
N ARG A 326 -9.81 14.48 -21.44
CA ARG A 326 -9.89 13.06 -21.23
C ARG A 326 -11.01 12.81 -20.23
N ALA A 327 -12.06 12.12 -20.65
CA ALA A 327 -13.16 11.80 -19.76
C ALA A 327 -13.03 10.33 -19.41
N SER A 328 -12.68 10.09 -18.15
CA SER A 328 -12.45 8.76 -17.63
C SER A 328 -13.78 8.18 -17.18
N ILE A 329 -14.34 7.25 -17.96
CA ILE A 329 -15.70 6.78 -17.73
C ILE A 329 -15.71 5.46 -16.96
N TYR A 330 -15.15 5.53 -15.76
CA TYR A 330 -15.03 4.38 -14.88
C TYR A 330 -16.44 3.86 -14.63
N ASN A 331 -16.54 2.62 -14.13
CA ASN A 331 -17.83 1.93 -13.88
C ASN A 331 -18.84 2.76 -13.10
N ALA A 332 -18.34 3.44 -12.08
CA ALA A 332 -19.16 4.20 -11.15
C ALA A 332 -19.57 5.59 -11.68
N VAL A 333 -19.01 6.02 -12.82
CA VAL A 333 -19.46 7.29 -13.43
C VAL A 333 -20.76 7.05 -14.14
N THR A 334 -21.74 7.86 -13.79
CA THR A 334 -23.09 7.62 -14.26
C THR A 334 -23.36 8.14 -15.68
N ILE A 335 -24.32 7.50 -16.33
CA ILE A 335 -24.88 7.96 -17.62
C ILE A 335 -25.23 9.46 -17.59
N GLU A 336 -25.75 9.92 -16.45
CA GLU A 336 -26.20 11.31 -16.25
C GLU A 336 -25.04 12.29 -16.26
N SER A 337 -23.93 11.88 -15.64
CA SER A 337 -22.72 12.69 -15.64
C SER A 337 -22.13 12.78 -17.04
N VAL A 338 -22.31 11.74 -17.83
CA VAL A 338 -21.87 11.74 -19.22
C VAL A 338 -22.75 12.67 -20.10
N GLN A 339 -24.05 12.70 -19.84
CA GLN A 339 -24.99 13.52 -20.59
C GLN A 339 -24.76 14.99 -20.33
N ALA A 340 -24.40 15.31 -19.10
CA ALA A 340 -24.14 16.70 -18.73
C ALA A 340 -22.83 17.18 -19.34
N LEU A 341 -21.86 16.26 -19.49
CA LEU A 341 -20.69 16.57 -20.30
C LEU A 341 -21.10 16.84 -21.74
N ILE A 342 -21.90 15.95 -22.31
CA ILE A 342 -22.37 16.08 -23.66
C ILE A 342 -23.13 17.41 -23.86
N LYS A 343 -24.02 17.74 -22.94
CA LYS A 343 -24.78 18.98 -22.95
C LYS A 343 -23.86 20.20 -22.77
N CYS A 344 -22.84 20.07 -21.94
CA CYS A 344 -21.85 21.11 -21.82
C CYS A 344 -21.10 21.31 -23.14
N MET A 345 -20.76 20.22 -23.81
CA MET A 345 -20.02 20.32 -25.05
C MET A 345 -20.90 20.91 -26.15
N HIS A 346 -22.15 20.47 -26.17
CA HIS A 346 -23.13 20.87 -27.15
C HIS A 346 -23.41 22.37 -27.07
N ASP A 347 -23.42 22.92 -25.87
CA ASP A 347 -23.49 24.35 -25.72
C ASP A 347 -22.08 24.89 -26.20
N PHE A 348 -21.75 24.54 -27.46
CA PHE A 348 -20.88 25.30 -28.40
C PHE A 348 -21.65 26.32 -29.25
N GLU A 349 -22.17 27.33 -28.58
CA GLU A 349 -22.56 28.58 -29.18
C GLU A 349 -21.34 29.49 -28.87
N GLN A 350 -20.25 29.18 -29.57
CA GLN A 350 -19.19 30.07 -30.07
C GLN A 350 -19.30 29.99 -31.62
N LEU A 351 -20.19 29.13 -32.13
CA LEU A 351 -20.42 28.87 -33.55
C LEU A 351 -21.70 29.45 -34.16
N HIS A 352 -22.73 29.59 -33.31
CA HIS A 352 -24.12 29.89 -33.70
C HIS A 352 -24.81 28.81 -34.52
N THR A 353 -24.61 27.52 -34.17
CA THR A 353 -25.41 26.43 -34.78
C THR A 353 -26.78 26.41 -34.13
N HIS A 354 -27.82 26.44 -34.97
CA HIS A 354 -29.21 26.14 -34.60
C HIS A 354 -29.83 25.13 -35.55
N HIS B 7 -12.78 -7.14 22.47
CA HIS B 7 -13.28 -5.99 23.31
C HIS B 7 -12.35 -4.77 23.21
N ASN B 8 -11.03 -4.94 23.31
CA ASN B 8 -10.12 -3.79 23.60
C ASN B 8 -8.66 -3.67 23.05
N PHE B 9 -7.99 -4.77 22.67
CA PHE B 9 -6.49 -4.76 22.66
C PHE B 9 -5.58 -4.30 21.49
N GLY B 10 -6.16 -3.85 20.38
CA GLY B 10 -5.37 -3.23 19.33
C GLY B 10 -5.88 -1.84 19.04
N ALA B 11 -6.48 -1.23 20.06
CA ALA B 11 -7.29 -0.03 19.87
C ALA B 11 -6.54 1.07 19.13
N MET B 12 -7.27 1.78 18.27
CA MET B 12 -6.84 3.07 17.74
C MET B 12 -7.64 4.12 18.50
N ALA B 13 -7.06 5.29 18.70
CA ALA B 13 -7.75 6.40 19.32
C ALA B 13 -9.11 6.58 18.60
N LYS B 14 -10.12 7.03 19.32
CA LYS B 14 -11.47 7.17 18.76
C LYS B 14 -11.62 8.41 17.85
N GLU B 15 -10.89 9.48 18.17
CA GLU B 15 -10.91 10.69 17.36
C GLU B 15 -10.47 10.40 15.93
N VAL B 16 -9.44 9.56 15.83
CA VAL B 16 -8.84 9.17 14.57
C VAL B 16 -9.78 8.27 13.81
N ILE B 17 -10.49 7.38 14.49
CA ILE B 17 -11.47 6.54 13.79
C ILE B 17 -12.58 7.43 13.23
N GLU B 18 -13.17 8.26 14.08
CA GLU B 18 -14.29 9.12 13.65
C GLU B 18 -13.92 10.04 12.48
N ALA B 19 -12.72 10.63 12.54
CA ALA B 19 -12.25 11.54 11.49
C ALA B 19 -12.10 10.81 10.18
N THR B 20 -11.55 9.60 10.26
CA THR B 20 -11.40 8.77 9.08
C THR B 20 -12.73 8.41 8.48
N ALA B 21 -13.68 7.98 9.30
CA ALA B 21 -15.03 7.68 8.79
C ALA B 21 -15.66 8.92 8.14
N LYS B 22 -15.54 10.04 8.82
CA LYS B 22 -16.08 11.28 8.30
C LYS B 22 -15.49 11.47 6.90
N ALA B 23 -14.18 11.30 6.79
CA ALA B 23 -13.48 11.58 5.53
C ALA B 23 -13.87 10.64 4.40
N VAL B 24 -14.30 9.44 4.75
CA VAL B 24 -14.84 8.50 3.77
C VAL B 24 -16.21 8.92 3.24
N ASN B 25 -17.04 9.48 4.11
CA ASN B 25 -18.35 9.99 3.71
C ASN B 25 -18.18 11.23 2.85
N ASN B 26 -17.45 12.20 3.39
CA ASN B 26 -17.26 13.48 2.72
C ASN B 26 -15.96 14.11 3.13
N PHE B 27 -14.97 13.97 2.27
CA PHE B 27 -13.68 14.60 2.49
C PHE B 27 -13.65 16.06 2.04
N TRP B 28 -14.19 16.34 0.84
CA TRP B 28 -14.15 17.68 0.24
C TRP B 28 -15.24 17.85 -0.80
N GLU B 29 -16.11 18.83 -0.55
CA GLU B 29 -17.12 19.23 -1.53
C GLU B 29 -17.96 18.04 -2.00
N GLY B 30 -18.37 17.19 -1.06
CA GLY B 30 -19.24 16.03 -1.35
C GLY B 30 -18.51 14.76 -1.76
N LEU B 31 -17.24 14.88 -2.14
CA LEU B 31 -16.43 13.74 -2.61
C LEU B 31 -15.76 12.96 -1.47
N SER B 32 -15.89 11.64 -1.53
CA SER B 32 -15.26 10.75 -0.56
C SER B 32 -13.75 10.82 -0.69
N ILE B 33 -13.04 10.66 0.42
CA ILE B 33 -11.59 10.52 0.32
C ILE B 33 -11.18 9.34 -0.55
N LEU B 34 -12.07 8.35 -0.71
CA LEU B 34 -11.78 7.23 -1.62
C LEU B 34 -11.88 7.60 -3.10
N GLU B 35 -12.44 8.77 -3.45
CA GLU B 35 -12.71 9.06 -4.87
C GLU B 35 -12.03 10.31 -5.42
N ILE B 36 -11.40 11.09 -4.56
CA ILE B 36 -10.60 12.22 -5.02
C ILE B 36 -9.31 11.74 -5.68
N SER B 37 -8.74 12.59 -6.50
CA SER B 37 -7.54 12.29 -7.20
C SER B 37 -6.39 12.60 -6.31
N HIS B 38 -5.37 11.76 -6.36
CA HIS B 38 -4.17 12.05 -5.61
C HIS B 38 -3.35 13.14 -6.27
N ARG B 39 -3.61 13.38 -7.56
CA ARG B 39 -3.04 14.52 -8.28
C ARG B 39 -3.73 15.86 -7.96
N SER B 40 -4.87 15.85 -7.27
CA SER B 40 -5.56 17.11 -6.97
C SER B 40 -4.82 17.89 -5.90
N LYS B 41 -5.08 19.19 -5.86
CA LYS B 41 -4.45 20.09 -4.88
C LYS B 41 -4.91 19.81 -3.45
N GLU B 42 -6.13 19.32 -3.31
CA GLU B 42 -6.72 19.00 -1.98
C GLU B 42 -5.86 17.93 -1.31
N TRP B 43 -5.49 16.92 -2.10
CA TRP B 43 -4.67 15.85 -1.60
C TRP B 43 -3.23 16.26 -1.37
N ILE B 44 -2.66 17.03 -2.30
CA ILE B 44 -1.29 17.50 -2.20
C ILE B 44 -1.11 18.27 -0.89
N ASN B 45 -2.12 19.05 -0.54
CA ASN B 45 -2.16 19.76 0.73
C ASN B 45 -2.14 18.88 1.96
N VAL B 46 -2.84 17.76 1.88
CA VAL B 46 -2.83 16.81 2.97
C VAL B 46 -1.44 16.23 3.05
N MET B 47 -0.90 15.81 1.93
CA MET B 47 0.45 15.28 1.94
C MET B 47 1.33 16.26 2.67
N ASN B 48 1.32 17.53 2.27
CA ASN B 48 2.25 18.51 2.82
C ASN B 48 2.00 18.85 4.29
N GLU B 49 0.74 18.96 4.67
CA GLU B 49 0.43 19.18 6.08
C GLU B 49 0.89 17.97 6.94
N THR B 50 0.67 16.73 6.46
CA THR B 50 1.12 15.58 7.17
C THR B 50 2.62 15.66 7.34
N LYS B 51 3.33 16.01 6.27
CA LYS B 51 4.77 16.20 6.38
C LYS B 51 5.17 17.27 7.38
N ALA B 52 4.49 18.42 7.34
CA ALA B 52 4.78 19.50 8.32
C ALA B 52 4.43 19.11 9.76
N LEU B 53 3.35 18.36 9.93
CA LEU B 53 2.96 17.82 11.24
C LEU B 53 3.96 16.83 11.86
N MET B 54 4.46 15.91 11.04
CA MET B 54 5.48 15.01 11.48
C MET B 54 6.78 15.73 11.82
N LYS B 55 7.09 16.79 11.08
CA LYS B 55 8.27 17.58 11.36
C LYS B 55 8.14 18.22 12.73
N GLU B 56 6.98 18.84 12.95
CA GLU B 56 6.68 19.51 14.20
C GLU B 56 6.69 18.55 15.38
N VAL B 57 5.80 17.56 15.33
CA VAL B 57 5.56 16.65 16.42
C VAL B 57 6.80 15.83 16.77
N MET B 58 7.62 15.49 15.77
CA MET B 58 8.84 14.70 16.02
C MET B 58 10.13 15.52 16.07
N ASP B 59 10.04 16.83 15.86
CA ASP B 59 11.21 17.69 15.84
C ASP B 59 12.23 17.16 14.85
N ILE B 60 11.81 17.03 13.61
CA ILE B 60 12.72 16.62 12.53
C ILE B 60 13.52 17.85 12.07
N PRO B 61 14.87 17.79 12.17
CA PRO B 61 15.72 18.91 11.72
C PRO B 61 15.74 19.08 10.22
N GLU B 62 16.50 20.07 9.77
CA GLU B 62 16.69 20.31 8.35
C GLU B 62 17.56 19.23 7.75
N GLY B 63 17.35 18.97 6.47
CA GLY B 63 18.16 17.99 5.73
C GLY B 63 17.55 16.59 5.74
N TYR B 64 16.36 16.45 6.34
CA TYR B 64 15.63 15.20 6.36
C TYR B 64 14.34 15.27 5.56
N GLU B 65 14.18 14.29 4.67
CA GLU B 65 12.97 14.17 3.85
C GLU B 65 12.02 13.15 4.46
N ILE B 66 10.73 13.42 4.31
CA ILE B 66 9.68 12.55 4.74
C ILE B 66 8.94 11.91 3.56
N LEU B 67 8.88 10.57 3.55
CA LEU B 67 8.28 9.83 2.45
C LEU B 67 7.25 8.87 2.92
N PHE B 68 6.29 8.55 2.07
CA PHE B 68 5.26 7.61 2.42
C PHE B 68 5.24 6.59 1.37
N PHE B 69 5.27 5.34 1.81
CA PHE B 69 5.33 4.25 0.90
C PHE B 69 4.21 3.32 1.21
N GLY B 70 3.66 2.76 0.17
CA GLY B 70 2.78 1.64 0.30
C GLY B 70 3.63 0.47 0.66
N GLY B 71 2.94 -0.55 1.15
CA GLY B 71 3.56 -1.81 1.55
C GLY B 71 3.96 -1.61 2.99
N GLY B 72 5.03 -2.28 3.38
CA GLY B 72 5.37 -2.34 4.78
C GLY B 72 6.83 -2.14 5.01
N ALA B 73 7.21 -2.34 6.27
CA ALA B 73 8.60 -2.29 6.64
C ALA B 73 9.43 -3.26 5.84
N SER B 74 8.85 -4.38 5.38
CA SER B 74 9.63 -5.35 4.59
C SER B 74 10.11 -4.81 3.28
N LEU B 75 9.33 -3.94 2.65
CA LEU B 75 9.82 -3.30 1.40
C LEU B 75 11.01 -2.48 1.73
N GLN B 76 11.05 -1.90 2.93
CA GLN B 76 12.20 -1.08 3.29
C GLN B 76 13.43 -1.92 3.62
N PHE B 77 13.25 -3.12 4.14
CA PHE B 77 14.42 -3.96 4.30
C PHE B 77 15.21 -3.96 3.02
N LEU B 78 14.52 -4.14 1.91
CA LEU B 78 15.20 -4.16 0.62
C LEU B 78 15.70 -2.77 0.20
N MET B 79 14.84 -1.77 0.29
CA MET B 79 15.18 -0.44 -0.23
C MET B 79 16.38 0.10 0.50
N VAL B 80 16.43 -0.08 1.82
CA VAL B 80 17.58 0.38 2.56
C VAL B 80 18.85 -0.16 1.92
N ALA B 81 18.89 -1.46 1.64
CA ALA B 81 20.13 -2.09 1.21
C ALA B 81 20.49 -1.64 -0.20
N MET B 82 19.49 -1.52 -1.04
CA MET B 82 19.72 -1.19 -2.43
C MET B 82 20.17 0.25 -2.58
N ASN B 83 19.67 1.11 -1.70
CA ASN B 83 20.08 2.48 -1.74
C ASN B 83 21.35 2.84 -0.98
N LEU B 84 21.81 2.01 -0.03
CA LEU B 84 22.99 2.37 0.80
C LEU B 84 24.11 1.34 0.93
N LEU B 85 23.86 0.11 0.54
CA LEU B 85 24.89 -0.89 0.67
C LEU B 85 25.68 -0.87 -0.62
N ASN B 86 26.85 -0.28 -0.54
CA ASN B 86 27.77 -0.26 -1.67
C ASN B 86 28.74 -1.46 -1.61
N LYS B 87 29.55 -1.48 -0.55
CA LYS B 87 30.52 -2.57 -0.30
C LYS B 87 29.94 -3.52 0.75
N LYS B 88 29.74 -2.96 1.94
CA LYS B 88 29.30 -3.74 3.06
C LYS B 88 28.58 -2.89 4.11
N ALA B 89 27.71 -3.55 4.90
CA ALA B 89 26.97 -2.91 5.99
C ALA B 89 26.89 -3.81 7.22
N CYS B 90 26.59 -3.22 8.38
CA CYS B 90 26.46 -4.03 9.57
C CYS B 90 25.08 -3.93 10.22
N TYR B 91 24.72 -5.01 10.91
CA TYR B 91 23.42 -5.18 11.53
C TYR B 91 23.51 -5.77 12.94
N LEU B 92 22.56 -5.40 13.80
CA LEU B 92 22.37 -5.98 15.12
C LEU B 92 21.19 -6.92 15.10
N ASP B 93 21.41 -8.16 15.49
CA ASP B 93 20.39 -9.19 15.44
C ASP B 93 19.67 -9.34 16.78
N THR B 94 18.56 -8.62 16.94
CA THR B 94 17.79 -8.62 18.16
C THR B 94 16.40 -9.21 18.01
N GLY B 95 16.14 -9.97 16.96
CA GLY B 95 14.80 -10.56 16.84
C GLY B 95 14.40 -11.01 15.46
N VAL B 96 13.12 -11.35 15.31
CA VAL B 96 12.59 -11.83 14.06
C VAL B 96 12.73 -10.72 13.04
N TRP B 97 12.32 -9.51 13.39
CA TRP B 97 12.31 -8.43 12.39
C TRP B 97 13.72 -8.03 12.04
N ALA B 98 14.58 -7.91 13.04
CA ALA B 98 15.99 -7.63 12.78
C ALA B 98 16.57 -8.70 11.88
N SER B 99 16.20 -9.95 12.13
CA SER B 99 16.74 -11.05 11.38
C SER B 99 16.25 -11.07 9.94
N LYS B 100 15.00 -10.69 9.74
CA LYS B 100 14.47 -10.61 8.40
C LYS B 100 15.12 -9.45 7.61
N ALA B 101 15.41 -8.33 8.28
CA ALA B 101 16.13 -7.24 7.62
C ALA B 101 17.49 -7.72 7.14
N ILE B 102 18.19 -8.45 8.02
CA ILE B 102 19.54 -8.90 7.77
C ILE B 102 19.57 -9.79 6.56
N LYS B 103 18.66 -10.74 6.51
CA LYS B 103 18.52 -11.65 5.39
C LYS B 103 18.25 -10.93 4.07
N GLU B 104 17.35 -9.95 4.07
CA GLU B 104 17.04 -9.30 2.80
C GLU B 104 18.26 -8.59 2.33
N ALA B 105 18.95 -7.94 3.27
CA ALA B 105 20.18 -7.21 2.95
C ALA B 105 21.29 -8.14 2.46
N GLU B 106 21.35 -9.35 3.01
CA GLU B 106 22.36 -10.33 2.59
C GLU B 106 22.16 -10.75 1.14
N ASN B 107 20.92 -10.82 0.69
CA ASN B 107 20.63 -11.08 -0.72
C ASN B 107 21.13 -9.98 -1.67
N ILE B 108 21.47 -8.81 -1.12
CA ILE B 108 21.95 -7.69 -1.92
C ILE B 108 23.47 -7.55 -1.93
N GLY B 109 24.08 -7.79 -0.77
CA GLY B 109 25.51 -7.64 -0.62
C GLY B 109 25.99 -8.08 0.76
N GLU B 110 27.21 -7.72 1.09
CA GLU B 110 27.89 -8.24 2.27
C GLU B 110 27.35 -7.62 3.55
N VAL B 111 26.97 -8.48 4.51
CA VAL B 111 26.51 -8.02 5.80
C VAL B 111 27.32 -8.63 6.94
N LYS B 112 27.83 -7.77 7.81
CA LYS B 112 28.35 -8.26 9.08
C LYS B 112 27.31 -8.07 10.17
N ILE B 113 26.97 -9.19 10.82
CA ILE B 113 26.13 -9.17 11.98
C ILE B 113 27.05 -8.90 13.18
N ILE B 114 27.02 -7.70 13.74
CA ILE B 114 27.98 -7.35 14.81
C ILE B 114 27.55 -7.72 16.24
N GLY B 115 26.39 -8.33 16.40
CA GLY B 115 25.93 -8.74 17.72
C GLY B 115 24.57 -9.37 17.62
N THR B 116 24.31 -10.40 18.42
CA THR B 116 23.06 -11.16 18.34
C THR B 116 22.69 -11.69 19.68
N SER B 117 21.39 -11.82 19.94
CA SER B 117 20.93 -12.43 21.17
C SER B 117 20.13 -13.67 20.86
N LYS B 118 20.42 -14.25 19.71
CA LYS B 118 19.72 -15.43 19.24
C LYS B 118 20.03 -16.61 20.20
N ASP B 119 21.19 -16.56 20.82
CA ASP B 119 21.61 -17.58 21.75
C ASP B 119 20.60 -17.83 22.87
N LYS B 120 19.86 -16.81 23.30
CA LYS B 120 18.91 -16.99 24.43
C LYS B 120 17.52 -16.58 24.07
N ASN B 121 17.10 -16.99 22.88
CA ASN B 121 15.79 -16.62 22.37
C ASN B 121 15.46 -15.12 22.44
N TYR B 122 16.47 -14.31 22.12
CA TYR B 122 16.41 -12.87 22.06
C TYR B 122 15.83 -12.20 23.30
N THR B 123 16.07 -12.83 24.44
CA THR B 123 15.62 -12.27 25.73
C THR B 123 16.40 -11.05 26.20
N TYR B 124 17.47 -10.67 25.48
CA TYR B 124 18.32 -9.51 25.86
C TYR B 124 18.88 -8.77 24.63
N ILE B 125 19.37 -7.56 24.83
CA ILE B 125 20.04 -6.80 23.78
C ILE B 125 21.56 -6.95 23.90
N PRO B 126 22.23 -7.48 22.88
CA PRO B 126 23.66 -7.77 23.02
C PRO B 126 24.53 -6.54 23.06
N GLU B 127 25.82 -6.70 23.39
CA GLU B 127 26.85 -5.64 23.25
C GLU B 127 27.36 -5.71 21.83
N TYR B 128 28.00 -4.64 21.37
CA TYR B 128 28.53 -4.56 20.02
C TYR B 128 29.46 -3.37 19.89
N GLN B 129 30.41 -3.51 18.97
CA GLN B 129 31.32 -2.42 18.62
C GLN B 129 31.04 -2.12 17.16
N ILE B 130 30.73 -0.87 16.87
CA ILE B 130 30.39 -0.49 15.51
C ILE B 130 31.68 -0.23 14.75
N PRO B 131 31.99 -1.06 13.73
CA PRO B 131 33.16 -0.78 12.88
C PRO B 131 32.95 0.46 12.02
N SER B 132 34.03 1.22 11.81
CA SER B 132 33.97 2.57 11.23
C SER B 132 34.05 2.58 9.70
N ASP B 133 34.35 1.43 9.10
CA ASP B 133 34.47 1.34 7.67
C ASP B 133 33.33 0.60 6.96
N TYR B 134 32.18 0.42 7.62
CA TYR B 134 30.97 -0.09 6.93
C TYR B 134 30.10 1.08 6.41
N ASP B 135 29.30 0.82 5.38
CA ASP B 135 28.48 1.85 4.76
C ASP B 135 27.40 2.35 5.71
N TYR B 136 26.85 1.46 6.52
CA TYR B 136 25.80 1.87 7.48
C TYR B 136 25.62 0.82 8.52
N PHE B 137 24.98 1.22 9.63
CA PHE B 137 24.67 0.31 10.74
C PHE B 137 23.16 0.30 11.00
N HIS B 138 22.57 -0.90 10.93
CA HIS B 138 21.10 -1.05 10.98
C HIS B 138 20.68 -1.70 12.26
N ILE B 139 19.74 -1.09 12.97
CA ILE B 139 19.14 -1.65 14.17
C ILE B 139 17.64 -1.74 14.13
N THR B 140 17.07 -2.60 14.98
CA THR B 140 15.63 -2.70 15.19
C THR B 140 15.38 -2.24 16.64
N THR B 141 14.75 -1.09 16.84
CA THR B 141 14.78 -0.48 18.17
C THR B 141 13.82 -1.10 19.18
N ASN B 142 12.72 -1.65 18.70
CA ASN B 142 11.81 -2.39 19.54
C ASN B 142 11.57 -3.72 18.85
N ASN B 143 11.85 -4.82 19.53
CA ASN B 143 11.74 -6.11 18.95
C ASN B 143 10.43 -6.68 19.34
N THR B 144 9.47 -6.53 18.43
CA THR B 144 8.06 -6.70 18.69
C THR B 144 7.67 -8.08 19.22
N ILE B 145 8.36 -9.11 18.79
CA ILE B 145 7.94 -10.47 19.13
C ILE B 145 8.50 -10.89 20.48
N TYR B 146 9.69 -10.37 20.83
CA TYR B 146 10.38 -10.74 22.04
C TYR B 146 10.32 -9.74 23.17
N GLY B 147 9.79 -8.56 22.93
CA GLY B 147 9.57 -7.60 24.00
C GLY B 147 10.85 -7.00 24.54
N THR B 148 11.87 -6.90 23.69
CA THR B 148 13.07 -6.16 24.06
C THR B 148 13.13 -4.85 23.32
N GLU B 149 13.70 -3.84 23.93
CA GLU B 149 13.97 -2.59 23.23
C GLU B 149 15.34 -2.10 23.62
N ILE B 150 15.85 -1.11 22.89
CA ILE B 150 17.17 -0.55 23.08
C ILE B 150 17.13 0.75 23.89
N ARG B 151 18.08 0.91 24.80
CA ARG B 151 18.07 2.00 25.77
C ARG B 151 19.21 2.95 25.52
N LYS B 152 20.42 2.40 25.49
CA LYS B 152 21.61 3.19 25.24
C LYS B 152 21.30 4.23 24.15
N ASP B 153 21.75 5.47 24.35
CA ASP B 153 21.64 6.49 23.32
C ASP B 153 22.75 6.21 22.33
N ILE B 154 22.37 5.87 21.10
CA ILE B 154 23.33 5.31 20.16
C ILE B 154 23.86 6.41 19.31
N GLU B 155 25.18 6.46 19.23
CA GLU B 155 25.88 7.52 18.57
C GLU B 155 26.85 6.82 17.66
N SER B 156 26.44 6.67 16.41
CA SER B 156 27.17 5.84 15.47
C SER B 156 28.17 6.70 14.72
N PRO B 157 29.38 6.17 14.46
CA PRO B 157 30.35 6.87 13.62
C PRO B 157 30.05 6.69 12.12
N ILE B 158 29.15 5.77 11.79
CA ILE B 158 28.68 5.63 10.41
C ILE B 158 27.16 5.86 10.42
N PRO B 159 26.54 5.96 9.22
CA PRO B 159 25.11 6.24 9.13
C PRO B 159 24.25 5.19 9.85
N LEU B 160 23.34 5.66 10.70
CA LEU B 160 22.52 4.83 11.52
C LEU B 160 21.15 4.70 10.91
N VAL B 161 20.76 3.46 10.60
CA VAL B 161 19.46 3.16 10.00
C VAL B 161 18.67 2.42 11.07
N ALA B 162 17.38 2.69 11.21
CA ALA B 162 16.62 2.02 12.28
C ALA B 162 15.20 1.69 11.92
N ASP B 163 14.79 0.46 12.21
CA ASP B 163 13.43 0.04 12.01
C ASP B 163 12.65 0.33 13.27
N MET B 164 11.83 1.39 13.22
CA MET B 164 11.02 1.75 14.37
C MET B 164 9.59 1.34 14.19
N SER B 165 9.31 0.29 13.48
CA SER B 165 7.93 -0.06 13.24
C SER B 165 7.10 -0.13 14.50
N SER B 166 7.66 -0.73 15.56
CA SER B 166 6.86 -0.98 16.76
C SER B 166 7.01 0.06 17.81
N ASP B 167 7.81 1.11 17.59
CA ASP B 167 7.90 2.18 18.59
C ASP B 167 7.91 3.63 18.08
N ILE B 168 7.77 3.86 16.79
CA ILE B 168 7.68 5.23 16.32
C ILE B 168 6.46 5.91 16.94
N LEU B 169 6.62 7.19 17.28
CA LEU B 169 5.56 7.98 17.91
C LEU B 169 5.09 7.47 19.30
N SER B 170 5.94 6.72 20.01
CA SER B 170 5.64 6.34 21.38
C SER B 170 6.36 7.22 22.38
N LYS B 171 7.26 8.06 21.87
CA LYS B 171 8.13 8.86 22.71
C LYS B 171 8.98 9.76 21.82
N PRO B 172 9.52 10.86 22.36
CA PRO B 172 10.39 11.69 21.54
C PRO B 172 11.75 11.06 21.35
N ILE B 173 12.33 11.26 20.17
CA ILE B 173 13.68 10.82 19.87
C ILE B 173 14.55 11.92 19.25
N ASP B 174 15.87 11.75 19.35
CA ASP B 174 16.79 12.65 18.72
C ASP B 174 17.02 12.24 17.28
N ILE B 175 16.26 12.85 16.40
CA ILE B 175 16.31 12.47 15.01
C ILE B 175 17.71 12.63 14.41
N SER B 176 18.48 13.61 14.88
CA SER B 176 19.77 13.90 14.26
C SER B 176 20.77 12.77 14.43
N LYS B 177 20.54 11.86 15.39
CA LYS B 177 21.42 10.72 15.55
C LYS B 177 21.26 9.73 14.39
N TYR B 178 20.11 9.76 13.71
CA TYR B 178 19.82 8.80 12.65
C TYR B 178 19.98 9.36 11.26
N SER B 179 20.44 8.50 10.35
CA SER B 179 20.44 8.81 8.95
C SER B 179 19.20 8.31 8.22
N LEU B 180 18.54 7.28 8.72
CA LEU B 180 17.32 6.82 8.08
C LEU B 180 16.48 6.09 9.12
N ILE B 181 15.24 6.49 9.26
CA ILE B 181 14.28 5.86 10.15
C ILE B 181 13.07 5.41 9.35
N TYR B 182 12.52 4.25 9.65
CA TYR B 182 11.32 3.80 8.94
C TYR B 182 10.38 3.04 9.84
N ALA B 183 9.11 3.00 9.46
CA ALA B 183 8.11 2.34 10.24
C ALA B 183 6.94 1.94 9.42
N GLY B 184 6.69 0.64 9.32
CA GLY B 184 5.38 0.13 8.95
C GLY B 184 4.48 0.73 9.99
N ALA B 185 3.25 1.04 9.67
CA ALA B 185 2.60 2.07 10.46
C ALA B 185 1.38 1.56 11.19
N GLN B 186 1.15 0.25 11.11
CA GLN B 186 -0.06 -0.33 11.63
C GLN B 186 -0.12 -0.41 13.18
N LYS B 187 1.01 -0.22 13.87
CA LYS B 187 1.07 -0.48 15.33
C LYS B 187 0.58 0.73 16.13
N ASN B 188 1.41 1.76 16.26
CA ASN B 188 0.96 3.09 16.68
C ASN B 188 0.61 3.80 15.38
N CYS B 189 0.87 5.11 15.33
CA CYS B 189 1.15 5.85 14.11
C CYS B 189 0.18 5.86 12.92
N GLY B 190 -0.58 4.78 12.70
CA GLY B 190 -1.50 4.73 11.57
C GLY B 190 -2.13 3.39 11.30
N ALA B 191 -2.71 3.26 10.13
CA ALA B 191 -3.39 2.05 9.77
C ALA B 191 -2.61 1.34 8.69
N ALA B 192 -2.87 0.06 8.58
CA ALA B 192 -2.19 -0.79 7.64
C ALA B 192 -2.32 -0.22 6.25
N GLY B 193 -1.22 -0.29 5.51
CA GLY B 193 -1.15 0.14 4.13
C GLY B 193 -0.13 1.22 3.87
N VAL B 194 0.47 1.78 4.92
CA VAL B 194 1.50 2.77 4.75
C VAL B 194 2.76 2.55 5.59
N THR B 195 3.90 2.97 5.04
CA THR B 195 5.15 2.96 5.72
C THR B 195 5.81 4.32 5.66
N ILE B 196 6.29 4.80 6.79
CA ILE B 196 6.93 6.11 6.87
C ILE B 196 8.43 5.91 6.73
N VAL B 197 9.06 6.84 6.02
CA VAL B 197 10.50 6.89 5.94
C VAL B 197 10.92 8.33 6.14
N ILE B 198 11.85 8.51 7.08
CA ILE B 198 12.43 9.80 7.38
C ILE B 198 13.90 9.66 7.13
N ILE B 199 14.43 10.45 6.20
CA ILE B 199 15.74 10.17 5.64
C ILE B 199 16.62 11.38 5.42
N LYS B 200 17.86 11.27 5.83
CA LYS B 200 18.81 12.34 5.71
C LYS B 200 19.34 12.28 4.30
N LYS B 201 18.76 13.09 3.45
CA LYS B 201 19.08 13.08 2.03
C LYS B 201 20.54 12.93 1.62
N GLU B 202 21.47 13.56 2.33
CA GLU B 202 22.89 13.54 1.90
C GLU B 202 23.57 12.14 1.87
N ILE B 203 22.92 11.12 2.44
CA ILE B 203 23.44 9.74 2.40
C ILE B 203 23.17 9.01 1.06
N LEU B 204 22.29 9.57 0.23
CA LEU B 204 21.94 8.90 -1.01
C LEU B 204 22.95 9.25 -2.08
N GLY B 205 23.03 8.40 -3.12
CA GLY B 205 23.86 8.65 -4.28
C GLY B 205 25.21 7.96 -4.22
N LYS B 206 25.42 7.09 -3.23
CA LYS B 206 26.76 6.58 -2.95
C LYS B 206 26.89 5.08 -3.18
N VAL B 207 26.12 4.56 -4.12
CA VAL B 207 26.09 3.13 -4.38
C VAL B 207 26.35 2.90 -5.86
N GLN B 208 27.27 2.01 -6.20
CA GLN B 208 27.63 1.78 -7.61
C GLN B 208 26.64 0.87 -8.32
N ARG B 209 25.91 0.07 -7.58
CA ARG B 209 24.88 -0.80 -8.16
C ARG B 209 23.74 0.03 -8.70
N LYS B 210 23.16 -0.46 -9.78
CA LYS B 210 21.94 0.11 -10.36
C LYS B 210 20.76 -0.11 -9.41
N ILE B 211 19.86 0.86 -9.29
CA ILE B 211 18.65 0.70 -8.50
C ILE B 211 17.39 0.86 -9.35
N PRO B 212 16.48 -0.13 -9.30
CA PRO B 212 15.21 0.06 -9.98
C PRO B 212 14.56 1.37 -9.58
N ILE B 213 13.93 2.01 -10.55
CA ILE B 213 13.30 3.32 -10.38
C ILE B 213 12.31 3.34 -9.23
N ILE B 214 11.46 2.33 -9.16
CA ILE B 214 10.46 2.28 -8.10
C ILE B 214 11.11 2.07 -6.73
N LEU B 215 12.36 1.61 -6.68
CA LEU B 215 13.04 1.38 -5.40
C LEU B 215 14.07 2.45 -5.02
N ASP B 216 14.11 3.54 -5.77
CA ASP B 216 15.19 4.55 -5.65
C ASP B 216 14.64 5.66 -4.80
N TYR B 217 15.20 5.87 -3.61
CA TYR B 217 14.63 6.91 -2.71
C TYR B 217 14.62 8.30 -3.36
N GLN B 218 15.63 8.59 -4.18
CA GLN B 218 15.75 9.89 -4.85
C GLN B 218 14.58 10.16 -5.78
N VAL B 219 14.17 9.16 -6.56
CA VAL B 219 13.00 9.32 -7.36
C VAL B 219 11.79 9.67 -6.51
N HIS B 220 11.63 9.03 -5.35
CA HIS B 220 10.52 9.34 -4.47
C HIS B 220 10.61 10.71 -3.83
N ILE B 221 11.80 11.10 -3.40
CA ILE B 221 12.01 12.43 -2.84
C ILE B 221 11.68 13.54 -3.85
N LEU B 222 12.20 13.39 -5.06
CA LEU B 222 11.96 14.35 -6.14
C LEU B 222 10.46 14.50 -6.44
N ASN B 223 9.68 13.44 -6.22
CA ASN B 223 8.27 13.52 -6.51
C ASN B 223 7.39 13.66 -5.28
N ASN B 224 7.97 14.02 -4.13
CA ASN B 224 7.20 14.18 -2.89
C ASN B 224 6.28 12.98 -2.60
N SER B 225 6.83 11.75 -2.76
CA SER B 225 6.11 10.46 -2.52
C SER B 225 4.89 10.28 -3.39
N MET B 226 4.85 10.98 -4.51
CA MET B 226 3.81 10.66 -5.46
C MET B 226 4.38 10.37 -6.82
N TYR B 227 5.58 9.85 -6.83
CA TYR B 227 6.08 9.28 -8.05
C TYR B 227 4.97 8.45 -8.70
N ASN B 228 4.27 7.69 -7.88
CA ASN B 228 3.09 6.99 -8.34
C ASN B 228 2.05 7.02 -7.24
N THR B 229 0.98 6.25 -7.41
CA THR B 229 -0.21 6.41 -6.54
C THR B 229 0.18 6.08 -5.11
N PRO B 230 -0.07 6.98 -4.16
CA PRO B 230 0.27 6.68 -2.78
C PRO B 230 -0.96 6.16 -2.06
N PRO B 231 -0.77 5.62 -0.85
CA PRO B 231 -1.85 4.99 -0.10
C PRO B 231 -2.65 6.00 0.70
N VAL B 232 -3.61 6.61 0.02
CA VAL B 232 -4.23 7.85 0.47
C VAL B 232 -4.87 7.74 1.83
N ILE B 233 -5.74 6.76 1.98
CA ILE B 233 -6.51 6.64 3.20
C ILE B 233 -5.63 6.32 4.38
N SER B 234 -4.66 5.45 4.20
CA SER B 234 -3.70 5.14 5.30
C SER B 234 -2.86 6.38 5.67
N ILE B 235 -2.52 7.20 4.67
CA ILE B 235 -1.79 8.43 4.93
C ILE B 235 -2.66 9.38 5.70
N PHE B 236 -3.93 9.44 5.33
CA PHE B 236 -4.87 10.28 6.09
C PHE B 236 -4.92 9.90 7.57
N THR B 237 -4.95 8.60 7.87
CA THR B 237 -5.04 8.15 9.27
C THR B 237 -3.80 8.56 10.02
N VAL B 238 -2.65 8.55 9.35
CA VAL B 238 -1.42 9.10 9.92
C VAL B 238 -1.54 10.59 10.18
N ASN B 239 -2.19 11.27 9.27
CA ASN B 239 -2.37 12.72 9.45
C ASN B 239 -3.18 12.99 10.73
N GLN B 240 -4.25 12.24 10.94
CA GLN B 240 -5.10 12.43 12.14
C GLN B 240 -4.40 12.04 13.42
N THR B 241 -3.73 10.89 13.40
CA THR B 241 -2.95 10.42 14.54
C THR B 241 -1.96 11.45 15.00
N LEU B 242 -1.31 12.11 14.07
CA LEU B 242 -0.43 13.23 14.40
C LEU B 242 -1.18 14.41 15.02
N LYS B 243 -2.38 14.69 14.52
CA LYS B 243 -3.20 15.76 15.13
C LYS B 243 -3.58 15.40 16.57
N TYR B 244 -4.02 14.18 16.79
CA TYR B 244 -4.37 13.75 18.15
C TYR B 244 -3.18 13.80 19.13
N ILE B 245 -2.02 13.32 18.71
CA ILE B 245 -0.84 13.38 19.56
C ILE B 245 -0.47 14.82 19.95
N LYS B 246 -0.73 15.74 19.04
CA LYS B 246 -0.42 17.14 19.29
C LYS B 246 -1.44 17.73 20.25
N LYS B 247 -2.71 17.44 20.00
CA LYS B 247 -3.79 17.90 20.87
C LYS B 247 -3.53 17.51 22.30
N ILE B 248 -3.18 16.26 22.50
CA ILE B 248 -3.07 15.68 23.81
C ILE B 248 -1.70 16.04 24.45
N GLY B 249 -0.92 16.88 23.77
CA GLY B 249 0.24 17.51 24.40
C GLY B 249 1.59 16.89 24.04
N GLY B 250 1.65 16.15 22.94
CA GLY B 250 2.94 15.76 22.36
C GLY B 250 3.51 14.43 22.83
N LEU B 251 4.68 14.13 22.29
CA LEU B 251 5.32 12.88 22.55
C LEU B 251 5.84 12.71 23.99
N LYS B 252 6.15 13.80 24.69
CA LYS B 252 6.46 13.74 26.11
C LYS B 252 5.35 13.08 26.88
N LYS B 253 4.13 13.55 26.65
CA LYS B 253 2.96 13.05 27.36
C LYS B 253 2.65 11.61 27.00
N ILE B 254 2.63 11.32 25.70
CA ILE B 254 2.42 9.96 25.17
C ILE B 254 3.38 8.97 25.83
N GLN B 255 4.61 9.43 26.07
CA GLN B 255 5.59 8.57 26.71
C GLN B 255 5.19 8.27 28.16
N GLU B 256 4.87 9.30 28.92
CA GLU B 256 4.49 9.12 30.32
C GLU B 256 3.36 8.10 30.49
N LEU B 257 2.27 8.28 29.75
CA LEU B 257 1.13 7.35 29.77
C LEU B 257 1.54 5.91 29.43
N ASN B 258 2.36 5.74 28.39
CA ASN B 258 2.91 4.43 28.07
C ASN B 258 3.82 3.86 29.16
N GLU B 259 4.75 4.67 29.69
CA GLU B 259 5.70 4.18 30.68
C GLU B 259 4.95 3.64 31.91
N GLU B 260 3.88 4.37 32.25
CA GLU B 260 3.02 4.00 33.33
C GLU B 260 2.34 2.65 33.04
N LYS B 261 1.64 2.58 31.92
CA LYS B 261 0.93 1.36 31.53
C LYS B 261 1.87 0.16 31.62
N ALA B 262 3.10 0.28 31.07
CA ALA B 262 4.08 -0.81 31.17
C ALA B 262 4.54 -1.08 32.61
N ARG B 263 4.74 -0.02 33.39
CA ARG B 263 5.19 -0.17 34.78
C ARG B 263 4.19 -0.98 35.63
N LEU B 264 2.90 -0.72 35.47
CA LEU B 264 1.86 -1.48 36.20
C LEU B 264 1.86 -2.93 35.80
N LEU B 265 1.91 -3.18 34.51
CA LEU B 265 1.81 -4.51 33.99
C LEU B 265 3.02 -5.35 34.36
N TYR B 266 4.23 -4.78 34.29
CA TYR B 266 5.43 -5.51 34.70
C TYR B 266 5.41 -5.80 36.22
N ALA B 267 4.87 -4.86 37.01
CA ALA B 267 4.76 -5.07 38.46
C ALA B 267 3.82 -6.25 38.73
N GLU B 268 2.65 -6.27 38.07
CA GLU B 268 1.75 -7.43 38.14
C GLU B 268 2.41 -8.73 37.69
N ILE B 269 3.13 -8.72 36.57
CA ILE B 269 3.81 -9.93 36.13
C ILE B 269 4.78 -10.46 37.19
N ASP B 270 5.59 -9.57 37.75
CA ASP B 270 6.59 -9.90 38.75
C ASP B 270 5.98 -10.28 40.12
N ARG B 271 4.86 -9.66 40.48
CA ARG B 271 4.18 -9.99 41.75
C ARG B 271 3.52 -11.37 41.70
N ASN B 272 2.89 -11.67 40.56
CA ASN B 272 2.04 -12.82 40.36
C ASN B 272 2.90 -14.06 40.16
N LYS B 273 2.62 -15.08 40.96
CA LYS B 273 3.38 -16.33 40.97
C LYS B 273 2.99 -17.24 39.83
N ILE B 274 1.84 -17.01 39.22
CA ILE B 274 1.48 -17.71 38.00
C ILE B 274 2.43 -17.37 36.83
N PHE B 275 2.94 -16.14 36.81
CA PHE B 275 3.62 -15.59 35.63
C PHE B 275 5.03 -15.05 35.88
N ARG B 276 5.80 -15.00 34.79
CA ARG B 276 7.15 -14.41 34.78
C ARG B 276 7.39 -13.73 33.44
N GLY B 277 8.12 -12.62 33.46
CA GLY B 277 8.52 -11.97 32.22
C GLY B 277 9.65 -12.75 31.57
N THR B 278 9.63 -12.87 30.24
CA THR B 278 10.70 -13.60 29.53
C THR B 278 12.02 -12.85 29.45
N VAL B 279 11.91 -11.53 29.53
CA VAL B 279 12.97 -10.66 29.10
C VAL B 279 13.67 -10.10 30.28
N ARG B 280 14.99 -9.93 30.12
CA ARG B 280 15.82 -9.31 31.16
C ARG B 280 15.28 -7.95 31.50
N LYS B 281 15.31 -7.60 32.77
CA LYS B 281 14.63 -6.41 33.29
C LYS B 281 15.06 -5.11 32.63
N LYS B 282 16.34 -5.03 32.33
CA LYS B 282 16.96 -3.81 31.84
C LYS B 282 16.62 -3.50 30.37
N ASP B 283 16.36 -4.56 29.62
CA ASP B 283 16.05 -4.48 28.19
C ASP B 283 14.52 -4.58 27.94
N ARG B 284 13.70 -4.47 28.99
CA ARG B 284 12.26 -4.60 28.84
C ARG B 284 11.66 -3.55 27.94
N SER B 285 10.92 -3.98 26.93
CA SER B 285 10.19 -3.04 26.08
C SER B 285 8.91 -2.51 26.73
N ILE B 286 8.71 -1.23 26.52
CA ILE B 286 7.53 -0.47 26.99
C ILE B 286 6.28 -0.73 26.13
N MET B 287 6.49 -1.32 24.96
CA MET B 287 5.47 -1.46 23.94
C MET B 287 4.94 -2.88 23.84
N ASN B 288 5.84 -3.86 23.94
CA ASN B 288 5.45 -5.24 23.82
C ASN B 288 5.95 -5.99 25.04
N VAL B 289 5.01 -6.46 25.83
CA VAL B 289 5.25 -6.96 27.19
C VAL B 289 5.06 -8.47 27.16
N CYS B 290 6.19 -9.18 27.18
CA CYS B 290 6.18 -10.61 27.03
C CYS B 290 6.38 -11.27 28.42
N PHE B 291 5.56 -12.30 28.67
CA PHE B 291 5.51 -13.04 29.91
C PHE B 291 4.96 -14.42 29.65
N VAL B 292 5.50 -15.41 30.36
CA VAL B 292 5.06 -16.81 30.22
C VAL B 292 4.61 -17.36 31.58
N MET B 293 4.03 -18.56 31.58
CA MET B 293 3.72 -19.24 32.85
C MET B 293 5.02 -19.55 33.60
N GLU B 294 5.07 -19.33 34.92
CA GLU B 294 6.08 -20.00 35.75
C GLU B 294 6.04 -21.48 35.40
N GLU B 295 7.19 -22.14 35.47
CA GLU B 295 7.33 -23.58 35.22
C GLU B 295 6.35 -24.43 36.05
N GLN B 296 6.15 -24.03 37.29
CA GLN B 296 5.22 -24.74 38.17
C GLN B 296 3.81 -24.79 37.59
N TYR B 297 3.41 -23.75 36.87
CA TYR B 297 2.06 -23.63 36.33
C TYR B 297 1.99 -23.74 34.82
N LYS B 298 3.07 -24.23 34.22
CA LYS B 298 3.22 -24.44 32.79
C LYS B 298 1.97 -25.00 32.09
N GLN B 299 1.35 -26.01 32.67
CA GLN B 299 0.19 -26.67 32.05
C GLN B 299 -1.08 -25.80 31.98
N LEU B 300 -1.11 -24.74 32.77
CA LEU B 300 -2.22 -23.78 32.73
C LEU B 300 -2.24 -22.80 31.54
N GLU B 301 -1.25 -22.88 30.65
CA GLU B 301 -1.07 -21.87 29.59
C GLU B 301 -2.35 -21.68 28.79
N ASN B 302 -2.83 -22.78 28.19
CA ASN B 302 -4.06 -22.74 27.40
C ASN B 302 -5.30 -22.39 28.21
N GLU B 303 -5.36 -22.87 29.45
CA GLU B 303 -6.49 -22.58 30.33
C GLU B 303 -6.64 -21.05 30.53
N PHE B 304 -5.52 -20.37 30.66
CA PHE B 304 -5.55 -18.94 30.88
C PHE B 304 -5.92 -18.14 29.62
N SER B 305 -5.44 -18.57 28.47
CA SER B 305 -5.88 -17.91 27.22
C SER B 305 -7.39 -17.87 27.16
N GLU B 306 -8.02 -19.04 27.33
CA GLU B 306 -9.48 -19.18 27.28
C GLU B 306 -10.13 -18.30 28.35
N TYR B 307 -9.51 -18.23 29.52
CA TYR B 307 -10.02 -17.38 30.60
C TYR B 307 -9.94 -15.90 30.27
N ALA B 308 -8.82 -15.46 29.71
CA ALA B 308 -8.72 -14.07 29.26
C ALA B 308 -9.79 -13.75 28.20
N LEU B 309 -9.93 -14.66 27.22
CA LEU B 309 -10.95 -14.52 26.17
C LEU B 309 -12.36 -14.40 26.75
N GLN B 310 -12.71 -15.28 27.69
CA GLN B 310 -14.01 -15.21 28.38
C GLN B 310 -14.24 -13.84 29.04
N LYS B 311 -13.17 -13.25 29.56
CA LYS B 311 -13.21 -11.92 30.19
C LYS B 311 -13.05 -10.75 29.20
N GLY B 312 -13.03 -11.04 27.91
CA GLY B 312 -13.00 -10.00 26.88
C GLY B 312 -11.63 -9.44 26.51
N ILE B 313 -10.56 -10.09 26.96
CA ILE B 313 -9.20 -9.70 26.54
C ILE B 313 -8.78 -10.53 25.35
N ILE B 314 -8.33 -9.82 24.32
CA ILE B 314 -8.12 -10.39 23.00
C ILE B 314 -6.73 -10.05 22.45
N GLY B 315 -6.16 -11.00 21.71
CA GLY B 315 -4.91 -10.81 20.97
C GLY B 315 -3.64 -10.69 21.79
N ILE B 316 -3.61 -11.31 22.96
CA ILE B 316 -2.44 -11.31 23.82
C ILE B 316 -1.63 -12.56 23.66
N LYS B 317 -2.04 -13.44 22.74
CA LYS B 317 -1.30 -14.65 22.54
C LYS B 317 0.04 -14.23 21.97
N GLY B 318 1.09 -14.91 22.39
CA GLY B 318 2.41 -14.63 21.88
C GLY B 318 2.53 -15.13 20.45
N HIS B 319 3.49 -14.60 19.71
CA HIS B 319 3.88 -15.21 18.46
C HIS B 319 4.34 -16.62 18.80
N ARG B 320 4.23 -17.53 17.83
CA ARG B 320 4.56 -18.95 18.02
C ARG B 320 5.91 -19.16 18.73
N SER B 321 7.00 -18.74 18.10
CA SER B 321 8.37 -18.89 18.61
C SER B 321 8.62 -18.70 20.11
N VAL B 322 7.86 -17.83 20.77
CA VAL B 322 8.01 -17.62 22.23
C VAL B 322 6.92 -18.34 23.04
N GLY B 323 5.75 -18.56 22.43
CA GLY B 323 4.60 -19.05 23.16
C GLY B 323 4.25 -18.04 24.23
N GLY B 324 3.66 -18.50 25.32
CA GLY B 324 3.22 -17.59 26.34
C GLY B 324 2.44 -16.42 25.75
N PHE B 325 2.67 -15.25 26.30
CA PHE B 325 1.81 -14.13 26.08
C PHE B 325 2.58 -12.86 25.76
N ARG B 326 1.87 -11.90 25.20
CA ARG B 326 2.46 -10.64 24.77
C ARG B 326 1.36 -9.62 24.79
N ALA B 327 1.51 -8.60 25.62
CA ALA B 327 0.54 -7.53 25.65
C ALA B 327 1.15 -6.34 24.97
N SER B 328 0.59 -6.00 23.82
CA SER B 328 1.08 -4.92 23.00
C SER B 328 0.41 -3.64 23.44
N ILE B 329 1.14 -2.79 24.16
CA ILE B 329 0.58 -1.61 24.79
C ILE B 329 0.79 -0.37 23.95
N TYR B 330 0.27 -0.41 22.74
CA TYR B 330 0.37 0.69 21.79
C TYR B 330 -0.25 1.93 22.44
N ASN B 331 0.07 3.10 21.92
CA ASN B 331 -0.39 4.41 22.44
C ASN B 331 -1.89 4.45 22.75
N ALA B 332 -2.67 3.90 21.84
CA ALA B 332 -4.14 3.94 21.92
C ALA B 332 -4.76 2.91 22.87
N VAL B 333 -3.96 1.98 23.39
CA VAL B 333 -4.47 1.07 24.40
C VAL B 333 -4.54 1.80 25.74
N THR B 334 -5.74 1.79 26.32
CA THR B 334 -6.01 2.56 27.52
C THR B 334 -5.47 1.91 28.81
N ILE B 335 -5.17 2.77 29.78
CA ILE B 335 -4.88 2.37 31.14
C ILE B 335 -5.91 1.35 31.67
N GLU B 336 -7.18 1.54 31.30
CA GLU B 336 -8.32 0.70 31.74
C GLU B 336 -8.29 -0.71 31.17
N SER B 337 -7.89 -0.82 29.91
CA SER B 337 -7.68 -2.11 29.29
C SER B 337 -6.48 -2.84 29.89
N VAL B 338 -5.46 -2.10 30.33
CA VAL B 338 -4.32 -2.67 31.04
C VAL B 338 -4.70 -3.17 32.46
N GLN B 339 -5.56 -2.43 33.15
CA GLN B 339 -6.01 -2.78 34.49
C GLN B 339 -6.88 -4.04 34.47
N ALA B 340 -7.69 -4.19 33.43
CA ALA B 340 -8.56 -5.36 33.27
C ALA B 340 -7.76 -6.59 32.91
N LEU B 341 -6.65 -6.42 32.20
CA LEU B 341 -5.67 -7.51 32.08
C LEU B 341 -5.10 -7.86 33.44
N ILE B 342 -4.61 -6.85 34.16
CA ILE B 342 -4.00 -7.05 35.47
C ILE B 342 -5.00 -7.80 36.39
N LYS B 343 -6.25 -7.34 36.37
CA LYS B 343 -7.31 -7.90 37.19
C LYS B 343 -7.64 -9.33 36.76
N CYS B 344 -7.61 -9.58 35.46
CA CYS B 344 -7.75 -10.94 34.94
C CYS B 344 -6.60 -11.82 35.40
N MET B 345 -5.37 -11.30 35.41
CA MET B 345 -4.20 -12.08 35.84
C MET B 345 -4.24 -12.34 37.32
N HIS B 346 -4.62 -11.30 38.06
CA HIS B 346 -4.71 -11.36 39.51
C HIS B 346 -5.73 -12.39 39.97
N ASP B 347 -6.86 -12.44 39.29
CA ASP B 347 -7.94 -13.34 39.64
C ASP B 347 -7.55 -14.73 39.26
N PHE B 348 -6.80 -14.85 38.16
CA PHE B 348 -6.37 -16.16 37.74
C PHE B 348 -5.49 -16.73 38.84
N GLU B 349 -4.59 -15.90 39.38
CA GLU B 349 -3.70 -16.33 40.45
C GLU B 349 -4.53 -16.75 41.67
N GLN B 350 -5.54 -15.97 42.02
CA GLN B 350 -6.29 -16.19 43.26
C GLN B 350 -7.19 -17.42 43.23
N LEU B 351 -7.57 -17.88 42.04
CA LEU B 351 -8.23 -19.18 41.86
C LEU B 351 -7.32 -20.42 42.02
N HIS B 352 -6.00 -20.22 41.85
CA HIS B 352 -5.06 -21.35 41.76
C HIS B 352 -4.10 -21.44 42.98
CL CL C . -0.84 5.41 -21.57
N1 PLP D . -0.60 1.45 -15.30
C2 PLP D . -1.70 2.11 -15.76
C2A PLP D . -2.40 1.64 -16.99
C3 PLP D . -2.24 3.25 -15.00
O3 PLP D . -3.36 3.96 -15.33
C4 PLP D . -1.50 3.63 -13.79
C4A PLP D . -2.00 4.75 -13.00
O4A PLP D . -3.03 5.26 -13.42
C5 PLP D . -0.31 2.84 -13.43
C6 PLP D . 0.09 1.78 -14.22
C5A PLP D . 0.48 3.21 -12.21
O4P PLP D . -0.20 2.63 -11.12
P PLP D . 0.26 3.08 -9.68
O1P PLP D . -0.82 2.26 -8.92
O2P PLP D . -0.02 4.55 -9.57
O3P PLP D . 1.77 2.80 -9.67
CL CL E . 11.20 -9.34 16.82
N1 PLP F . 9.57 -4.50 11.92
C2 PLP F . 8.92 -4.52 13.11
C2A PLP F . 9.66 -4.03 14.32
C3 PLP F . 7.49 -4.97 13.18
O3 PLP F . 6.82 -4.99 14.37
C4 PLP F . 6.84 -5.42 11.92
C4A PLP F . 5.46 -5.94 11.84
O4A PLP F . 4.82 -6.11 12.87
C5 PLP F . 7.68 -5.38 10.71
C6 PLP F . 9.00 -4.91 10.78
C5A PLP F . 7.09 -5.84 9.39
O4P PLP F . 6.03 -4.96 9.03
P PLP F . 5.26 -5.09 7.60
O1P PLP F . 4.11 -6.05 7.80
O2P PLP F . 6.25 -5.60 6.56
O3P PLP F . 4.87 -3.60 7.57
#